data_7LUY
#
_entry.id   7LUY
#
_cell.length_a   85.820
_cell.length_b   101.910
_cell.length_c   86.660
_cell.angle_alpha   90.000
_cell.angle_beta   115.982
_cell.angle_gamma   90.000
#
_symmetry.space_group_name_H-M   'P 1 21 1'
#
loop_
_entity.id
_entity.type
_entity.pdbx_description
1 polymer 'Guanylate kinase'
2 non-polymer 'SULFATE ION'
3 non-polymer 1,2-ETHANEDIOL
4 water water
#
_entity_poly.entity_id   1
_entity_poly.type   'polypeptide(L)'
_entity_poly.pdbx_seq_one_letter_code
;MAHHHHHHMGTLEAQTQGPGSMVTFFENELSAKKRNQRRGFLFILSSPSGAGKSTLSRLLLKDGKLELSISMTTRQKRPS
EVDGLHYHFISKKEFKRKRDGNEFIEWAEVHGNYYGTLRESVENVLSTGRDMLFDIDYQGTKQLQKKMPGDTVSVFILPP
SMKELISRLYRRAEDSQDIINLRLKNARTEMQHWRSYDYVIINENLNQSVSLIKSIYLAETVKRERCFFLEPFINGLIAE
KID
;
_entity_poly.pdbx_strand_id   A,B,C,D,E,F
#
loop_
_chem_comp.id
_chem_comp.type
_chem_comp.name
_chem_comp.formula
EDO non-polymer 1,2-ETHANEDIOL 'C2 H6 O2'
SO4 non-polymer 'SULFATE ION' 'O4 S -2'
#
# COMPACT_ATOMS: atom_id res chain seq x y z
N ASN A 36 3.72 -8.76 3.78
CA ASN A 36 4.54 -8.24 2.69
C ASN A 36 6.02 -8.54 2.92
N GLN A 37 6.30 -9.73 3.44
CA GLN A 37 7.69 -10.15 3.64
C GLN A 37 8.42 -10.37 2.32
N ARG A 38 7.68 -10.48 1.21
CA ARG A 38 8.32 -10.58 -0.10
C ARG A 38 7.44 -9.88 -1.10
N ARG A 39 8.05 -9.51 -2.23
CA ARG A 39 7.33 -8.84 -3.30
C ARG A 39 6.31 -9.78 -3.93
N GLY A 40 5.08 -9.29 -4.07
CA GLY A 40 4.12 -9.98 -4.92
C GLY A 40 4.61 -10.00 -6.36
N PHE A 41 4.06 -10.91 -7.17
CA PHE A 41 4.37 -10.86 -8.59
C PHE A 41 3.15 -11.14 -9.44
N LEU A 42 3.27 -10.78 -10.71
CA LEU A 42 2.26 -11.04 -11.72
C LEU A 42 2.58 -12.36 -12.42
N PHE A 43 1.69 -13.34 -12.28
CA PHE A 43 1.86 -14.68 -12.82
C PHE A 43 1.04 -14.74 -14.10
N ILE A 44 1.74 -14.77 -15.23
CA ILE A 44 1.12 -14.62 -16.55
C ILE A 44 1.10 -15.98 -17.23
N LEU A 45 -0.10 -16.44 -17.56
CA LEU A 45 -0.34 -17.67 -18.31
C LEU A 45 -0.89 -17.31 -19.67
N SER A 46 -0.20 -17.75 -20.73
CA SER A 46 -0.67 -17.55 -22.08
C SER A 46 -0.67 -18.88 -22.80
N SER A 47 -1.57 -19.00 -23.77
CA SER A 47 -1.62 -20.19 -24.61
CA SER A 47 -1.64 -20.19 -24.61
C SER A 47 -2.35 -19.85 -25.89
N PRO A 48 -2.03 -20.50 -26.99
CA PRO A 48 -2.90 -20.40 -28.15
C PRO A 48 -4.27 -20.90 -27.73
N SER A 49 -5.31 -20.19 -28.16
CA SER A 49 -6.67 -20.56 -27.76
C SER A 49 -6.95 -22.02 -28.13
N GLY A 50 -7.30 -22.82 -27.13
CA GLY A 50 -7.50 -24.25 -27.32
C GLY A 50 -6.41 -25.15 -26.77
N ALA A 51 -5.41 -24.59 -26.08
CA ALA A 51 -4.35 -25.37 -25.47
C ALA A 51 -4.59 -25.64 -23.99
N GLY A 52 -5.71 -25.18 -23.44
CA GLY A 52 -6.07 -25.50 -22.07
C GLY A 52 -5.68 -24.46 -21.04
N LYS A 53 -5.44 -23.21 -21.43
CA LYS A 53 -5.10 -22.17 -20.46
C LYS A 53 -6.24 -21.92 -19.48
N SER A 54 -7.48 -21.88 -19.96
CA SER A 54 -8.61 -21.55 -19.09
C SER A 54 -8.78 -22.60 -18.00
N THR A 55 -8.69 -23.88 -18.36
CA THR A 55 -8.85 -24.93 -17.37
C THR A 55 -7.74 -24.89 -16.34
N LEU A 56 -6.50 -24.68 -16.80
CA LEU A 56 -5.37 -24.58 -15.90
C LEU A 56 -5.51 -23.40 -14.96
N SER A 57 -6.08 -22.30 -15.44
CA SER A 57 -6.27 -21.14 -14.57
C SER A 57 -7.23 -21.47 -13.43
N ARG A 58 -8.35 -22.13 -13.75
CA ARG A 58 -9.34 -22.48 -12.73
C ARG A 58 -8.74 -23.37 -11.65
N LEU A 59 -7.96 -24.39 -12.05
CA LEU A 59 -7.30 -25.22 -11.05
C LEU A 59 -6.25 -24.43 -10.26
N LEU A 60 -5.59 -23.47 -10.89
CA LEU A 60 -4.58 -22.70 -10.16
C LEU A 60 -5.21 -21.71 -9.19
N LEU A 61 -6.48 -21.38 -9.36
CA LEU A 61 -7.14 -20.46 -8.45
C LEU A 61 -7.70 -21.14 -7.21
N LYS A 62 -7.69 -22.48 -7.16
CA LYS A 62 -8.41 -23.20 -6.12
C LYS A 62 -7.83 -22.93 -4.74
N ASP A 63 -6.50 -22.94 -4.60
CA ASP A 63 -5.93 -22.87 -3.26
C ASP A 63 -5.81 -21.45 -2.72
N GLY A 64 -6.23 -20.44 -3.49
CA GLY A 64 -6.42 -19.10 -2.99
C GLY A 64 -5.19 -18.21 -2.96
N LYS A 65 -4.00 -18.72 -3.26
CA LYS A 65 -2.82 -17.86 -3.15
C LYS A 65 -2.75 -16.83 -4.27
N LEU A 66 -3.44 -17.07 -5.38
CA LEU A 66 -3.44 -16.18 -6.52
C LEU A 66 -4.80 -15.54 -6.66
N GLU A 67 -4.82 -14.25 -6.98
CA GLU A 67 -6.05 -13.54 -7.28
C GLU A 67 -6.10 -13.29 -8.79
N LEU A 68 -7.26 -13.56 -9.39
CA LEU A 68 -7.41 -13.40 -10.83
C LEU A 68 -7.57 -11.92 -11.19
N SER A 69 -6.82 -11.48 -12.21
CA SER A 69 -6.97 -10.14 -12.75
C SER A 69 -8.19 -10.08 -13.67
N ILE A 70 -9.10 -9.16 -13.40
CA ILE A 70 -10.28 -8.95 -14.25
C ILE A 70 -9.94 -7.85 -15.26
N SER A 71 -9.89 -8.21 -16.54
CA SER A 71 -9.60 -7.23 -17.59
C SER A 71 -10.85 -6.42 -17.94
N MET A 72 -10.66 -5.14 -18.25
CA MET A 72 -11.69 -4.39 -18.94
C MET A 72 -11.73 -4.82 -20.41
N THR A 73 -12.90 -4.73 -21.02
CA THR A 73 -12.97 -5.09 -22.42
C THR A 73 -14.10 -4.33 -23.12
N THR A 74 -13.87 -4.04 -24.40
CA THR A 74 -14.89 -3.54 -25.30
C THR A 74 -15.60 -4.66 -26.06
N ARG A 75 -15.18 -5.91 -25.90
CA ARG A 75 -15.95 -7.00 -26.50
C ARG A 75 -17.36 -7.00 -25.92
N GLN A 76 -18.35 -7.30 -26.78
CA GLN A 76 -19.72 -7.38 -26.30
C GLN A 76 -19.88 -8.58 -25.37
N LYS A 77 -20.63 -8.38 -24.29
CA LYS A 77 -20.84 -9.46 -23.34
C LYS A 77 -21.71 -10.54 -23.97
N ARG A 78 -21.26 -11.80 -23.87
CA ARG A 78 -22.01 -12.92 -24.43
C ARG A 78 -23.18 -13.28 -23.52
N PRO A 79 -24.24 -13.89 -24.08
CA PRO A 79 -25.40 -14.24 -23.24
C PRO A 79 -25.05 -15.04 -22.00
N SER A 80 -24.04 -15.91 -22.06
CA SER A 80 -23.68 -16.75 -20.94
C SER A 80 -22.64 -16.12 -20.01
N GLU A 81 -22.23 -14.88 -20.26
CA GLU A 81 -21.22 -14.23 -19.44
C GLU A 81 -21.88 -13.31 -18.41
N VAL A 82 -21.15 -13.06 -17.33
CA VAL A 82 -21.61 -12.16 -16.28
C VAL A 82 -20.50 -11.17 -15.95
N ASP A 83 -20.85 -9.88 -15.92
CA ASP A 83 -19.88 -8.82 -15.65
C ASP A 83 -19.18 -9.07 -14.33
N GLY A 84 -17.84 -8.96 -14.34
CA GLY A 84 -17.06 -9.07 -13.14
C GLY A 84 -16.52 -10.45 -12.82
N LEU A 85 -16.89 -11.48 -13.57
CA LEU A 85 -16.38 -12.81 -13.29
C LEU A 85 -15.09 -13.08 -14.03
N HIS A 86 -14.94 -12.54 -15.25
CA HIS A 86 -13.70 -12.66 -15.99
C HIS A 86 -13.34 -11.31 -16.60
N TYR A 87 -14.36 -10.54 -16.98
CA TYR A 87 -14.14 -9.24 -17.58
C TYR A 87 -15.12 -8.22 -17.00
N HIS A 88 -14.73 -6.95 -17.09
CA HIS A 88 -15.63 -5.83 -16.93
C HIS A 88 -15.97 -5.30 -18.32
N PHE A 89 -17.23 -5.37 -18.70
CA PHE A 89 -17.67 -5.06 -20.05
C PHE A 89 -18.02 -3.58 -20.14
N ILE A 90 -17.23 -2.82 -20.89
CA ILE A 90 -17.43 -1.38 -20.99
C ILE A 90 -17.49 -1.00 -22.46
N SER A 91 -17.76 0.29 -22.71
CA SER A 91 -17.92 0.76 -24.08
C SER A 91 -16.58 1.21 -24.64
N LYS A 92 -16.55 1.40 -25.97
CA LYS A 92 -15.34 1.88 -26.62
C LYS A 92 -14.96 3.27 -26.11
N LYS A 93 -15.96 4.14 -25.88
CA LYS A 93 -15.67 5.48 -25.39
C LYS A 93 -15.12 5.44 -23.96
N GLU A 94 -15.68 4.58 -23.11
CA GLU A 94 -15.16 4.47 -21.76
C GLU A 94 -13.76 3.85 -21.75
N PHE A 95 -13.49 2.90 -22.65
CA PHE A 95 -12.14 2.35 -22.74
C PHE A 95 -11.15 3.43 -23.16
N LYS A 96 -11.53 4.22 -24.17
CA LYS A 96 -10.68 5.31 -24.63
C LYS A 96 -10.39 6.29 -23.48
N ARG A 97 -11.44 6.67 -22.73
CA ARG A 97 -11.26 7.66 -21.66
C ARG A 97 -10.34 7.13 -20.56
N LYS A 98 -10.46 5.83 -20.21
CA LYS A 98 -9.54 5.24 -19.25
C LYS A 98 -8.10 5.27 -19.76
N ARG A 99 -7.91 5.03 -21.06
CA ARG A 99 -6.58 5.04 -21.64
C ARG A 99 -5.96 6.44 -21.60
N ASP A 100 -6.74 7.48 -21.91
CA ASP A 100 -6.24 8.84 -21.85
C ASP A 100 -6.00 9.30 -20.42
N GLY A 101 -6.59 8.62 -19.44
CA GLY A 101 -6.32 8.98 -18.06
C GLY A 101 -5.26 8.10 -17.43
N ASN A 102 -4.47 7.41 -18.27
CA ASN A 102 -3.38 6.54 -17.82
C ASN A 102 -3.87 5.43 -16.87
N GLU A 103 -5.11 4.99 -17.01
CA GLU A 103 -5.63 4.02 -16.02
C GLU A 103 -5.15 2.59 -16.27
N PHE A 104 -4.62 2.28 -17.44
CA PHE A 104 -4.23 0.92 -17.81
C PHE A 104 -2.73 0.73 -17.61
N ILE A 105 -2.35 -0.22 -16.76
CA ILE A 105 -0.95 -0.61 -16.76
C ILE A 105 -0.64 -1.36 -18.05
N GLU A 106 -1.65 -1.95 -18.68
CA GLU A 106 -1.47 -2.75 -19.88
C GLU A 106 -2.78 -2.76 -20.66
N TRP A 107 -2.70 -2.58 -21.97
CA TRP A 107 -3.91 -2.73 -22.79
C TRP A 107 -3.51 -3.18 -24.18
N ALA A 108 -4.40 -3.94 -24.83
CA ALA A 108 -4.10 -4.40 -26.17
C ALA A 108 -5.39 -4.63 -26.96
N GLU A 109 -5.25 -4.57 -28.28
CA GLU A 109 -6.29 -5.03 -29.18
C GLU A 109 -6.05 -6.51 -29.48
N VAL A 110 -6.98 -7.36 -29.05
CA VAL A 110 -6.85 -8.80 -29.18
C VAL A 110 -8.10 -9.29 -29.92
N HIS A 111 -7.89 -9.83 -31.12
CA HIS A 111 -8.96 -10.35 -31.98
C HIS A 111 -10.01 -9.28 -32.26
N GLY A 112 -9.57 -8.04 -32.49
CA GLY A 112 -10.47 -6.97 -32.88
C GLY A 112 -11.22 -6.28 -31.75
N ASN A 113 -10.98 -6.65 -30.49
CA ASN A 113 -11.58 -5.95 -29.35
C ASN A 113 -10.47 -5.54 -28.39
N TYR A 114 -10.76 -4.53 -27.57
CA TYR A 114 -9.77 -3.99 -26.67
C TYR A 114 -9.88 -4.63 -25.29
N TYR A 115 -8.72 -4.90 -24.68
CA TYR A 115 -8.63 -5.49 -23.35
C TYR A 115 -7.57 -4.75 -22.57
N GLY A 116 -7.78 -4.56 -21.28
CA GLY A 116 -6.82 -3.80 -20.50
C GLY A 116 -6.89 -4.14 -19.03
N THR A 117 -5.77 -3.98 -18.36
CA THR A 117 -5.67 -4.17 -16.92
C THR A 117 -5.51 -2.80 -16.26
N LEU A 118 -6.34 -2.52 -15.24
CA LEU A 118 -6.23 -1.26 -14.52
C LEU A 118 -5.01 -1.28 -13.61
N ARG A 119 -4.20 -0.22 -13.66
CA ARG A 119 -3.04 -0.17 -12.79
C ARG A 119 -3.45 -0.15 -11.32
N GLU A 120 -4.59 0.46 -11.02
CA GLU A 120 -5.01 0.57 -9.64
C GLU A 120 -5.35 -0.80 -9.04
N SER A 121 -5.92 -1.70 -9.85
CA SER A 121 -6.26 -3.03 -9.37
C SER A 121 -5.01 -3.87 -9.12
N VAL A 122 -3.99 -3.70 -9.96
CA VAL A 122 -2.73 -4.38 -9.72
C VAL A 122 -2.05 -3.82 -8.47
N GLU A 123 -2.01 -2.48 -8.36
CA GLU A 123 -1.36 -1.86 -7.21
C GLU A 123 -1.98 -2.34 -5.91
N ASN A 124 -3.30 -2.49 -5.90
CA ASN A 124 -3.98 -2.86 -4.66
C ASN A 124 -3.64 -4.30 -4.26
N VAL A 125 -3.65 -5.24 -5.19
CA VAL A 125 -3.32 -6.61 -4.82
C VAL A 125 -1.87 -6.72 -4.35
N LEU A 126 -0.95 -6.07 -5.06
CA LEU A 126 0.47 -6.21 -4.74
C LEU A 126 0.86 -5.48 -3.45
N SER A 127 0.13 -4.45 -3.06
CA SER A 127 0.48 -3.76 -1.81
C SER A 127 0.34 -4.70 -0.62
N THR A 128 -0.63 -5.61 -0.66
CA THR A 128 -0.79 -6.62 0.37
C THR A 128 0.25 -7.73 0.31
N GLY A 129 1.21 -7.67 -0.62
CA GLY A 129 2.18 -8.74 -0.83
C GLY A 129 1.66 -9.93 -1.62
N ARG A 130 0.48 -9.81 -2.23
CA ARG A 130 -0.25 -10.90 -2.85
C ARG A 130 0.09 -11.01 -4.34
N ASP A 131 -0.09 -12.20 -4.89
CA ASP A 131 0.24 -12.49 -6.27
C ASP A 131 -1.02 -12.48 -7.14
N MET A 132 -0.87 -12.07 -8.39
CA MET A 132 -1.99 -11.97 -9.33
C MET A 132 -1.83 -12.96 -10.48
N LEU A 133 -2.93 -13.61 -10.84
CA LEU A 133 -2.95 -14.47 -12.01
C LEU A 133 -3.45 -13.67 -13.21
N PHE A 134 -2.79 -13.81 -14.35
CA PHE A 134 -3.15 -13.09 -15.56
C PHE A 134 -3.41 -14.03 -16.72
N ASP A 135 -4.49 -13.76 -17.45
CA ASP A 135 -4.91 -14.47 -18.66
C ASP A 135 -4.86 -13.46 -19.80
N ILE A 136 -3.71 -13.35 -20.47
CA ILE A 136 -3.44 -12.29 -21.45
C ILE A 136 -2.56 -12.86 -22.55
N ASP A 137 -2.44 -12.11 -23.65
CA ASP A 137 -1.58 -12.51 -24.75
C ASP A 137 -0.20 -11.83 -24.64
N TYR A 138 0.64 -12.03 -25.66
CA TYR A 138 2.00 -11.53 -25.60
C TYR A 138 2.06 -10.01 -25.55
N GLN A 139 1.08 -9.32 -26.13
CA GLN A 139 1.11 -7.86 -26.16
C GLN A 139 0.99 -7.29 -24.76
N GLY A 140 0.03 -7.80 -23.99
CA GLY A 140 -0.07 -7.42 -22.59
C GLY A 140 1.14 -7.86 -21.79
N THR A 141 1.65 -9.07 -22.06
CA THR A 141 2.81 -9.59 -21.33
C THR A 141 4.02 -8.67 -21.50
N LYS A 142 4.30 -8.26 -22.73
CA LYS A 142 5.48 -7.43 -22.98
C LYS A 142 5.38 -6.09 -22.26
N GLN A 143 4.18 -5.51 -22.20
CA GLN A 143 4.02 -4.26 -21.50
C GLN A 143 4.28 -4.42 -20.01
N LEU A 144 3.77 -5.50 -19.43
CA LEU A 144 3.95 -5.71 -18.00
C LEU A 144 5.42 -5.95 -17.68
N GLN A 145 6.09 -6.74 -18.52
CA GLN A 145 7.51 -7.01 -18.32
C GLN A 145 8.35 -5.74 -18.47
N LYS A 146 7.93 -4.80 -19.32
CA LYS A 146 8.69 -3.57 -19.50
C LYS A 146 8.43 -2.57 -18.37
N LYS A 147 7.22 -2.52 -17.84
CA LYS A 147 6.94 -1.62 -16.73
C LYS A 147 7.36 -2.19 -15.38
N MET A 148 7.27 -3.49 -15.15
CA MET A 148 7.56 -4.07 -13.85
C MET A 148 8.59 -5.19 -13.98
N PRO A 149 9.79 -4.88 -14.47
CA PRO A 149 10.82 -5.92 -14.60
C PRO A 149 11.15 -6.52 -13.24
N GLY A 150 11.22 -7.85 -13.20
CA GLY A 150 11.43 -8.56 -11.96
C GLY A 150 10.15 -8.94 -11.20
N ASP A 151 9.02 -8.32 -11.52
CA ASP A 151 7.78 -8.59 -10.80
C ASP A 151 6.81 -9.43 -11.63
N THR A 152 7.25 -9.95 -12.75
CA THR A 152 6.41 -10.79 -13.60
C THR A 152 7.04 -12.17 -13.75
N VAL A 153 6.19 -13.18 -13.82
CA VAL A 153 6.55 -14.56 -14.11
C VAL A 153 5.62 -15.00 -15.24
N SER A 154 6.17 -15.32 -16.41
CA SER A 154 5.35 -15.59 -17.59
C SER A 154 5.56 -17.01 -18.07
N VAL A 155 4.47 -17.71 -18.33
CA VAL A 155 4.47 -19.12 -18.73
C VAL A 155 3.66 -19.27 -20.00
N PHE A 156 4.26 -19.85 -21.03
CA PHE A 156 3.60 -20.09 -22.31
C PHE A 156 3.24 -21.57 -22.42
N ILE A 157 1.97 -21.86 -22.68
CA ILE A 157 1.49 -23.23 -22.75
C ILE A 157 1.20 -23.58 -24.22
N LEU A 158 1.85 -24.61 -24.72
CA LEU A 158 1.80 -25.11 -26.08
C LEU A 158 1.03 -26.43 -26.17
N PRO A 159 0.36 -26.68 -27.29
CA PRO A 159 -0.17 -28.02 -27.56
C PRO A 159 0.94 -28.97 -27.97
N PRO A 160 0.76 -30.27 -27.76
CA PRO A 160 1.78 -31.22 -28.22
C PRO A 160 1.81 -31.37 -29.73
N SER A 161 0.72 -31.04 -30.41
CA SER A 161 0.64 -31.02 -31.85
C SER A 161 -0.51 -30.09 -32.22
N MET A 162 -0.58 -29.73 -33.50
CA MET A 162 -1.77 -29.00 -33.94
C MET A 162 -2.96 -29.92 -34.08
N LYS A 163 -2.73 -31.20 -34.36
CA LYS A 163 -3.84 -32.14 -34.39
C LYS A 163 -4.47 -32.26 -33.01
N GLU A 164 -3.64 -32.30 -31.97
CA GLU A 164 -4.18 -32.28 -30.62
C GLU A 164 -4.89 -30.96 -30.33
N LEU A 165 -4.39 -29.85 -30.88
CA LEU A 165 -5.05 -28.57 -30.67
C LEU A 165 -6.44 -28.58 -31.28
N ILE A 166 -6.56 -29.04 -32.53
CA ILE A 166 -7.84 -29.06 -33.22
C ILE A 166 -8.80 -30.00 -32.52
N SER A 167 -8.28 -31.12 -32.00
CA SER A 167 -9.13 -32.06 -31.28
C SER A 167 -9.73 -31.43 -30.03
N ARG A 168 -8.95 -30.57 -29.35
CA ARG A 168 -9.48 -29.89 -28.18
C ARG A 168 -10.44 -28.77 -28.55
N LEU A 169 -10.20 -28.11 -29.69
CA LEU A 169 -11.06 -27.02 -30.11
C LEU A 169 -12.45 -27.52 -30.51
N TYR A 170 -12.50 -28.66 -31.20
CA TYR A 170 -13.79 -29.25 -31.55
C TYR A 170 -14.54 -29.68 -30.30
N ARG A 171 -13.89 -30.46 -29.44
CA ARG A 171 -14.52 -30.95 -28.22
C ARG A 171 -15.01 -29.82 -27.32
N ARG A 172 -14.51 -28.61 -27.53
CA ARG A 172 -14.86 -27.50 -26.63
C ARG A 172 -16.25 -26.96 -26.92
N ALA A 173 -16.46 -26.40 -28.11
CA ALA A 173 -17.57 -25.50 -28.33
C ALA A 173 -18.54 -26.04 -29.38
N GLU A 174 -19.52 -25.20 -29.71
CA GLU A 174 -20.16 -25.27 -31.02
C GLU A 174 -19.06 -25.00 -32.03
N ASP A 175 -18.72 -26.01 -32.83
CA ASP A 175 -17.39 -26.04 -33.46
C ASP A 175 -17.43 -25.87 -34.98
N SER A 176 -17.86 -24.71 -35.46
CA SER A 176 -17.90 -24.47 -36.89
C SER A 176 -16.49 -24.33 -37.45
N GLN A 177 -16.30 -24.82 -38.68
CA GLN A 177 -14.97 -24.86 -39.27
C GLN A 177 -14.32 -23.49 -39.34
N ASP A 178 -15.13 -22.44 -39.57
CA ASP A 178 -14.60 -21.09 -39.67
C ASP A 178 -13.93 -20.66 -38.37
N ILE A 179 -14.65 -20.77 -37.26
CA ILE A 179 -14.06 -20.46 -35.96
C ILE A 179 -12.79 -21.26 -35.74
N ILE A 180 -12.76 -22.52 -36.21
CA ILE A 180 -11.61 -23.39 -35.95
C ILE A 180 -10.40 -22.92 -36.74
N ASN A 181 -10.56 -22.67 -38.04
CA ASN A 181 -9.47 -22.14 -38.85
C ASN A 181 -8.91 -20.86 -38.27
N LEU A 182 -9.79 -19.92 -37.91
CA LEU A 182 -9.37 -18.63 -37.39
C LEU A 182 -8.70 -18.75 -36.03
N ARG A 183 -9.14 -19.69 -35.20
CA ARG A 183 -8.42 -19.92 -33.96
C ARG A 183 -7.04 -20.50 -34.23
N LEU A 184 -6.90 -21.33 -35.26
CA LEU A 184 -5.60 -21.84 -35.66
C LEU A 184 -4.68 -20.70 -36.11
N LYS A 185 -5.18 -19.80 -36.96
CA LYS A 185 -4.35 -18.67 -37.39
C LYS A 185 -3.88 -17.85 -36.20
N ASN A 186 -4.81 -17.51 -35.29
CA ASN A 186 -4.44 -16.80 -34.07
C ASN A 186 -3.44 -17.59 -33.25
N ALA A 187 -3.62 -18.91 -33.17
CA ALA A 187 -2.68 -19.76 -32.45
C ALA A 187 -1.28 -19.63 -33.01
N ARG A 188 -1.15 -19.59 -34.34
CA ARG A 188 0.16 -19.47 -34.96
C ARG A 188 0.80 -18.12 -34.67
N THR A 189 0.03 -17.05 -34.78
CA THR A 189 0.55 -15.71 -34.50
C THR A 189 1.03 -15.59 -33.06
N GLU A 190 0.28 -16.14 -32.11
CA GLU A 190 0.70 -16.06 -30.72
C GLU A 190 1.97 -16.85 -30.47
N MET A 191 2.10 -18.03 -31.10
CA MET A 191 3.31 -18.84 -30.92
C MET A 191 4.54 -18.19 -31.52
N GLN A 192 4.39 -17.24 -32.45
CA GLN A 192 5.55 -16.52 -32.94
C GLN A 192 6.27 -15.76 -31.83
N HIS A 193 5.59 -15.49 -30.71
CA HIS A 193 6.13 -14.64 -29.67
C HIS A 193 6.57 -15.41 -28.44
N TRP A 194 6.95 -16.68 -28.62
CA TRP A 194 7.31 -17.53 -27.49
C TRP A 194 8.56 -17.03 -26.76
N ARG A 195 9.46 -16.32 -27.43
CA ARG A 195 10.68 -15.88 -26.77
C ARG A 195 10.44 -14.81 -25.70
N SER A 196 9.23 -14.28 -25.58
CA SER A 196 8.90 -13.33 -24.52
C SER A 196 8.61 -13.99 -23.17
N TYR A 197 8.61 -15.32 -23.08
CA TYR A 197 8.11 -16.03 -21.91
C TYR A 197 9.23 -16.70 -21.13
N ASP A 198 9.13 -16.63 -19.80
CA ASP A 198 10.20 -17.18 -18.95
C ASP A 198 10.25 -18.70 -19.03
N TYR A 199 9.08 -19.33 -19.10
CA TYR A 199 8.94 -20.77 -19.14
C TYR A 199 7.98 -21.14 -20.26
N VAL A 200 8.29 -22.23 -20.94
CA VAL A 200 7.40 -22.79 -21.94
C VAL A 200 7.11 -24.23 -21.55
N ILE A 201 5.83 -24.58 -21.58
CA ILE A 201 5.37 -25.91 -21.19
C ILE A 201 4.59 -26.52 -22.34
N ILE A 202 4.88 -27.77 -22.66
CA ILE A 202 4.11 -28.50 -23.65
C ILE A 202 3.06 -29.30 -22.91
N ASN A 203 1.79 -28.98 -23.14
CA ASN A 203 0.70 -29.60 -22.40
C ASN A 203 0.45 -31.00 -22.95
N GLU A 204 1.32 -31.92 -22.57
CA GLU A 204 1.14 -33.32 -22.97
C GLU A 204 0.19 -34.05 -22.04
N ASN A 205 0.29 -33.78 -20.74
CA ASN A 205 -0.58 -34.36 -19.72
C ASN A 205 -1.09 -33.25 -18.81
N LEU A 206 -2.40 -33.22 -18.58
CA LEU A 206 -3.01 -32.11 -17.85
C LEU A 206 -2.58 -32.09 -16.38
N ASN A 207 -2.50 -33.27 -15.75
CA ASN A 207 -2.07 -33.29 -14.35
C ASN A 207 -0.61 -32.87 -14.23
N GLN A 208 0.24 -33.41 -15.10
CA GLN A 208 1.65 -32.99 -15.12
C GLN A 208 1.77 -31.50 -15.38
N SER A 209 0.95 -30.96 -16.28
CA SER A 209 1.01 -29.53 -16.58
C SER A 209 0.66 -28.70 -15.35
N VAL A 210 -0.36 -29.12 -14.59
CA VAL A 210 -0.71 -28.43 -13.36
C VAL A 210 0.42 -28.54 -12.36
N SER A 211 1.03 -29.73 -12.26
CA SER A 211 2.15 -29.87 -11.34
C SER A 211 3.28 -28.93 -11.70
N LEU A 212 3.60 -28.82 -13.00
CA LEU A 212 4.71 -27.96 -13.41
C LEU A 212 4.43 -26.51 -13.07
N ILE A 213 3.26 -26.02 -13.48
CA ILE A 213 2.97 -24.60 -13.30
C ILE A 213 2.93 -24.27 -11.81
N LYS A 214 2.34 -25.16 -11.00
CA LYS A 214 2.37 -24.95 -9.56
C LYS A 214 3.80 -24.96 -9.04
N SER A 215 4.64 -25.84 -9.58
CA SER A 215 6.05 -25.86 -9.18
C SER A 215 6.77 -24.57 -9.60
N ILE A 216 6.42 -24.03 -10.77
CA ILE A 216 6.95 -22.74 -11.18
C ILE A 216 6.51 -21.65 -10.21
N TYR A 217 5.22 -21.64 -9.86
CA TYR A 217 4.72 -20.68 -8.87
C TYR A 217 5.53 -20.77 -7.59
N LEU A 218 5.64 -21.98 -7.01
CA LEU A 218 6.30 -22.10 -5.71
C LEU A 218 7.77 -21.68 -5.78
N ALA A 219 8.46 -22.05 -6.85
CA ALA A 219 9.86 -21.69 -6.97
C ALA A 219 10.03 -20.16 -6.98
N GLU A 220 9.10 -19.44 -7.62
CA GLU A 220 9.22 -18.00 -7.71
C GLU A 220 8.87 -17.28 -6.39
N THR A 221 8.09 -17.91 -5.51
CA THR A 221 7.83 -17.30 -4.20
C THR A 221 9.08 -17.26 -3.32
N VAL A 222 10.07 -18.10 -3.59
CA VAL A 222 11.30 -18.12 -2.83
C VAL A 222 12.48 -17.61 -3.65
N LYS A 223 12.21 -16.92 -4.76
CA LYS A 223 13.29 -16.33 -5.53
C LYS A 223 13.91 -15.18 -4.74
N ARG A 224 15.25 -15.18 -4.66
CA ARG A 224 15.94 -14.34 -3.68
C ARG A 224 15.68 -12.85 -3.90
N GLU A 225 15.68 -12.40 -5.16
CA GLU A 225 15.61 -10.97 -5.43
C GLU A 225 14.29 -10.33 -5.03
N ARG A 226 13.24 -11.11 -4.76
CA ARG A 226 11.99 -10.52 -4.29
C ARG A 226 11.72 -10.79 -2.82
N CYS A 227 12.69 -11.36 -2.09
CA CYS A 227 12.53 -11.57 -0.66
C CYS A 227 13.33 -10.51 0.09
N PHE A 228 12.79 -9.28 0.09
CA PHE A 228 13.43 -8.15 0.77
C PHE A 228 13.52 -8.36 2.29
N PHE A 229 12.66 -9.19 2.87
CA PHE A 229 12.76 -9.50 4.28
C PHE A 229 14.08 -10.17 4.63
N LEU A 230 14.79 -10.72 3.65
CA LEU A 230 15.96 -11.53 3.94
C LEU A 230 17.00 -10.75 4.74
N GLU A 231 17.39 -9.57 4.26
CA GLU A 231 18.50 -8.86 4.91
C GLU A 231 18.29 -8.63 6.40
N PRO A 232 17.17 -8.07 6.88
CA PRO A 232 17.01 -7.89 8.33
C PRO A 232 16.89 -9.21 9.08
N PHE A 233 16.35 -10.25 8.43
CA PHE A 233 16.25 -11.54 9.11
C PHE A 233 17.61 -12.20 9.28
N ILE A 234 18.46 -12.09 8.26
CA ILE A 234 19.79 -12.70 8.34
C ILE A 234 20.70 -11.89 9.26
N ASN A 235 20.60 -10.55 9.20
CA ASN A 235 21.26 -9.73 10.22
C ASN A 235 20.79 -10.10 11.61
N GLY A 236 19.52 -10.48 11.74
CA GLY A 236 19.04 -10.99 13.00
C GLY A 236 19.72 -12.29 13.41
N LEU A 237 19.93 -13.19 12.45
CA LEU A 237 20.61 -14.43 12.77
C LEU A 237 22.07 -14.20 13.13
N ILE A 238 22.72 -13.23 12.47
CA ILE A 238 24.15 -13.00 12.71
C ILE A 238 24.34 -12.26 14.03
N ALA A 239 23.43 -11.35 14.37
CA ALA A 239 23.54 -10.56 15.59
C ALA A 239 22.88 -11.23 16.80
N GLU A 240 22.23 -12.38 16.61
CA GLU A 240 21.54 -13.05 17.70
C GLU A 240 22.53 -13.42 18.82
N LYS A 241 22.04 -13.37 20.06
CA LYS A 241 22.88 -13.68 21.21
C LYS A 241 22.84 -15.16 21.50
N ILE A 242 24.02 -15.77 21.68
CA ILE A 242 24.13 -17.20 21.88
C ILE A 242 24.87 -17.54 23.17
N ASN B 36 4.47 10.46 33.42
CA ASN B 36 3.27 9.96 34.09
C ASN B 36 2.10 10.95 34.01
N GLN B 37 1.38 10.90 32.90
CA GLN B 37 0.02 11.41 32.84
C GLN B 37 -1.00 10.37 33.30
N ARG B 38 -0.58 9.11 33.38
CA ARG B 38 -1.49 8.03 33.78
C ARG B 38 -0.70 6.97 34.52
N ARG B 39 -1.43 6.08 35.18
CA ARG B 39 -0.79 4.92 35.79
C ARG B 39 -0.32 3.94 34.72
N GLY B 40 0.87 3.37 34.92
CA GLY B 40 1.26 2.21 34.14
C GLY B 40 0.43 0.99 34.51
N PHE B 41 0.38 0.02 33.59
CA PHE B 41 -0.30 -1.24 33.87
C PHE B 41 0.56 -2.43 33.47
N LEU B 42 0.19 -3.58 34.03
CA LEU B 42 0.84 -4.86 33.72
C LEU B 42 0.02 -5.54 32.63
N PHE B 43 0.60 -5.65 31.44
CA PHE B 43 -0.02 -6.27 30.27
C PHE B 43 0.36 -7.76 30.27
N ILE B 44 -0.58 -8.60 30.67
CA ILE B 44 -0.34 -10.02 30.89
C ILE B 44 -0.88 -10.84 29.74
N LEU B 45 0.00 -11.54 29.02
CA LEU B 45 -0.37 -12.48 27.98
C LEU B 45 -0.09 -13.91 28.44
N SER B 46 -1.05 -14.81 28.20
CA SER B 46 -0.84 -16.24 28.46
C SER B 46 -1.29 -17.01 27.22
N SER B 47 -0.43 -17.90 26.75
CA SER B 47 -0.80 -18.80 25.64
C SER B 47 -0.59 -20.23 26.12
N PRO B 48 -1.65 -21.03 26.25
CA PRO B 48 -1.46 -22.47 26.45
C PRO B 48 -0.70 -23.05 25.27
N SER B 49 0.43 -23.69 25.56
CA SER B 49 1.37 -24.15 24.53
C SER B 49 1.81 -22.98 23.65
N GLY B 50 2.70 -22.16 24.22
CA GLY B 50 3.26 -20.99 23.59
C GLY B 50 3.57 -21.19 22.11
N ALA B 51 2.74 -20.62 21.25
CA ALA B 51 2.87 -20.75 19.81
C ALA B 51 3.35 -19.41 19.26
N GLY B 52 4.64 -19.35 18.92
CA GLY B 52 5.24 -18.09 18.52
C GLY B 52 5.23 -17.02 19.59
N LYS B 53 5.23 -17.43 20.87
CA LYS B 53 5.33 -16.45 21.95
C LYS B 53 6.57 -15.57 21.78
N SER B 54 7.69 -16.17 21.39
CA SER B 54 8.89 -15.37 21.10
C SER B 54 8.65 -14.45 19.92
N THR B 55 7.95 -14.93 18.89
CA THR B 55 7.60 -14.07 17.77
C THR B 55 6.61 -12.99 18.21
N LEU B 56 5.62 -13.37 19.01
CA LEU B 56 4.61 -12.40 19.45
C LEU B 56 5.19 -11.40 20.43
N SER B 57 6.02 -11.86 21.37
CA SER B 57 6.66 -10.92 22.29
C SER B 57 7.54 -9.94 21.54
N ARG B 58 8.30 -10.42 20.56
CA ARG B 58 9.15 -9.53 19.78
C ARG B 58 8.33 -8.46 19.08
N LEU B 59 7.15 -8.83 18.57
CA LEU B 59 6.32 -7.87 17.85
C LEU B 59 5.73 -6.82 18.79
N LEU B 60 5.35 -7.22 20.01
CA LEU B 60 4.77 -6.26 20.94
C LEU B 60 5.81 -5.37 21.62
N LEU B 61 7.06 -5.81 21.68
CA LEU B 61 8.11 -5.02 22.28
C LEU B 61 8.82 -4.12 21.27
N LYS B 62 8.58 -4.32 19.98
CA LYS B 62 9.40 -3.67 18.95
C LYS B 62 9.30 -2.14 19.03
N ASP B 63 8.10 -1.61 19.29
CA ASP B 63 7.91 -0.16 19.26
C ASP B 63 8.35 0.53 20.56
N GLY B 64 8.65 -0.22 21.61
CA GLY B 64 9.29 0.32 22.80
C GLY B 64 8.37 0.69 23.95
N LYS B 65 7.05 0.67 23.75
CA LYS B 65 6.13 1.11 24.80
C LYS B 65 6.11 0.14 25.98
N LEU B 66 6.30 -1.15 25.72
CA LEU B 66 6.26 -2.16 26.76
C LEU B 66 7.67 -2.59 27.13
N GLU B 67 7.90 -2.76 28.42
CA GLU B 67 9.11 -3.37 28.92
C GLU B 67 8.78 -4.79 29.35
N LEU B 68 9.58 -5.75 28.89
CA LEU B 68 9.37 -7.16 29.22
C LEU B 68 9.81 -7.46 30.65
N SER B 69 8.93 -8.07 31.42
CA SER B 69 9.30 -8.58 32.74
C SER B 69 10.17 -9.83 32.59
N ILE B 70 11.35 -9.81 33.20
CA ILE B 70 12.30 -10.91 33.20
C ILE B 70 12.11 -11.70 34.50
N SER B 71 11.55 -12.90 34.41
CA SER B 71 11.31 -13.73 35.59
C SER B 71 12.61 -14.33 36.11
N MET B 72 12.67 -14.50 37.43
CA MET B 72 13.66 -15.39 38.03
C MET B 72 13.21 -16.83 37.86
N THR B 73 14.16 -17.74 37.70
CA THR B 73 13.75 -19.13 37.61
C THR B 73 14.83 -20.05 38.16
N THR B 74 14.36 -21.15 38.76
CA THR B 74 15.22 -22.25 39.16
C THR B 74 15.45 -23.26 38.06
N ARG B 75 14.78 -23.11 36.91
CA ARG B 75 14.99 -24.03 35.81
C ARG B 75 16.42 -23.89 35.29
N GLN B 76 17.04 -25.03 34.98
CA GLN B 76 18.39 -25.06 34.43
C GLN B 76 18.45 -24.30 33.11
N LYS B 77 19.48 -23.49 32.93
CA LYS B 77 19.63 -22.75 31.69
C LYS B 77 19.99 -23.71 30.56
N ARG B 78 19.17 -23.71 29.50
CA ARG B 78 19.37 -24.59 28.36
C ARG B 78 20.53 -24.10 27.49
N PRO B 79 21.09 -24.96 26.65
CA PRO B 79 22.19 -24.53 25.77
C PRO B 79 21.86 -23.31 24.91
N SER B 80 20.58 -23.10 24.58
CA SER B 80 20.18 -22.04 23.65
C SER B 80 19.73 -20.76 24.35
N GLU B 81 19.94 -20.65 25.66
CA GLU B 81 19.39 -19.54 26.44
C GLU B 81 20.48 -18.59 26.91
N VAL B 82 20.10 -17.32 27.06
CA VAL B 82 20.99 -16.26 27.53
C VAL B 82 20.42 -15.68 28.81
N ASP B 83 21.23 -15.67 29.87
CA ASP B 83 20.84 -15.05 31.13
C ASP B 83 20.52 -13.59 30.91
N GLY B 84 19.35 -13.16 31.36
CA GLY B 84 18.91 -11.79 31.21
C GLY B 84 17.95 -11.53 30.08
N LEU B 85 17.78 -12.47 29.13
CA LEU B 85 16.96 -12.22 27.95
C LEU B 85 15.47 -12.47 28.18
N HIS B 86 15.12 -13.65 28.71
CA HIS B 86 13.77 -13.88 29.22
C HIS B 86 13.75 -14.25 30.70
N TYR B 87 14.85 -14.76 31.24
CA TYR B 87 14.90 -15.27 32.59
C TYR B 87 16.23 -14.89 33.23
N HIS B 88 16.21 -14.72 34.54
CA HIS B 88 17.42 -14.72 35.35
C HIS B 88 17.51 -16.08 36.05
N PHE B 89 18.51 -16.87 35.67
CA PHE B 89 18.66 -18.24 36.17
C PHE B 89 19.40 -18.23 37.50
N ILE B 90 18.72 -18.64 38.56
CA ILE B 90 19.24 -18.62 39.90
C ILE B 90 19.04 -20.00 40.54
N SER B 91 19.56 -20.16 41.75
CA SER B 91 19.50 -21.44 42.44
C SER B 91 18.19 -21.59 43.21
N LYS B 92 17.84 -22.84 43.49
CA LYS B 92 16.68 -23.09 44.34
C LYS B 92 16.84 -22.45 45.71
N LYS B 93 18.08 -22.40 46.22
CA LYS B 93 18.31 -21.80 47.53
C LYS B 93 18.11 -20.29 47.49
N GLU B 94 18.62 -19.60 46.46
N GLU B 94 18.61 -19.62 46.45
CA GLU B 94 18.43 -18.16 46.40
CA GLU B 94 18.45 -18.17 46.36
C GLU B 94 16.97 -17.78 46.12
C GLU B 94 16.98 -17.79 46.11
N PHE B 95 16.28 -18.58 45.31
CA PHE B 95 14.85 -18.36 45.08
C PHE B 95 14.10 -18.37 46.40
N LYS B 96 14.37 -19.38 47.24
CA LYS B 96 13.73 -19.48 48.55
C LYS B 96 14.03 -18.26 49.41
N ARG B 97 15.30 -17.85 49.45
CA ARG B 97 15.68 -16.65 50.20
C ARG B 97 14.91 -15.42 49.70
N LYS B 98 14.84 -15.24 48.38
CA LYS B 98 14.10 -14.11 47.84
C LYS B 98 12.62 -14.16 48.20
N ARG B 99 12.02 -15.36 48.14
CA ARG B 99 10.63 -15.51 48.51
C ARG B 99 10.41 -15.18 49.99
N ASP B 100 11.34 -15.59 50.84
CA ASP B 100 11.21 -15.39 52.28
C ASP B 100 11.44 -13.93 52.69
N GLY B 101 12.08 -13.12 51.85
CA GLY B 101 12.23 -11.70 52.09
C GLY B 101 11.17 -10.83 51.46
N ASN B 102 10.06 -11.42 50.96
CA ASN B 102 8.97 -10.68 50.31
C ASN B 102 9.46 -9.98 49.03
N GLU B 103 10.40 -10.58 48.31
CA GLU B 103 10.93 -9.95 47.11
C GLU B 103 10.07 -10.21 45.87
N PHE B 104 9.24 -11.25 45.88
CA PHE B 104 8.40 -11.60 44.73
C PHE B 104 7.00 -11.00 44.91
N ILE B 105 6.59 -10.14 43.98
CA ILE B 105 5.19 -9.77 43.94
C ILE B 105 4.37 -10.94 43.41
N GLU B 106 5.03 -11.88 42.75
CA GLU B 106 4.36 -13.02 42.12
C GLU B 106 5.39 -14.14 41.98
N TRP B 107 5.01 -15.36 42.36
CA TRP B 107 5.84 -16.54 42.09
C TRP B 107 4.95 -17.77 41.99
N ALA B 108 5.42 -18.78 41.24
CA ALA B 108 4.67 -20.01 41.11
C ALA B 108 5.58 -21.15 40.64
N GLU B 109 5.15 -22.38 40.92
CA GLU B 109 5.73 -23.55 40.31
C GLU B 109 5.00 -23.85 39.01
N VAL B 110 5.73 -23.84 37.89
CA VAL B 110 5.14 -23.97 36.56
C VAL B 110 5.85 -25.11 35.83
N HIS B 111 5.13 -26.21 35.59
CA HIS B 111 5.66 -27.39 34.89
C HIS B 111 6.92 -27.95 35.57
N GLY B 112 6.97 -27.93 36.89
CA GLY B 112 8.08 -28.52 37.62
C GLY B 112 9.21 -27.59 38.04
N ASN B 113 9.19 -26.30 37.66
CA ASN B 113 10.23 -25.36 38.08
C ASN B 113 9.59 -24.10 38.66
N TYR B 114 10.39 -23.30 39.36
CA TYR B 114 9.89 -22.11 40.03
C TYR B 114 10.22 -20.85 39.22
N TYR B 115 9.26 -19.94 39.15
CA TYR B 115 9.39 -18.70 38.42
C TYR B 115 8.81 -17.59 39.27
N GLY B 116 9.41 -16.40 39.17
CA GLY B 116 9.00 -15.30 40.02
C GLY B 116 9.32 -13.93 39.45
N THR B 117 8.42 -12.98 39.69
CA THR B 117 8.61 -11.57 39.33
C THR B 117 9.03 -10.79 40.58
N LEU B 118 10.12 -10.04 40.47
CA LEU B 118 10.59 -9.24 41.59
C LEU B 118 9.70 -8.02 41.78
N ARG B 119 9.29 -7.80 43.03
CA ARG B 119 8.48 -6.62 43.35
C ARG B 119 9.23 -5.34 43.01
N GLU B 120 10.54 -5.34 43.23
CA GLU B 120 11.35 -4.15 42.96
C GLU B 120 11.29 -3.76 41.48
N SER B 121 11.34 -4.75 40.58
CA SER B 121 11.32 -4.43 39.15
C SER B 121 9.97 -3.82 38.75
N VAL B 122 8.87 -4.41 39.23
CA VAL B 122 7.56 -3.87 38.89
C VAL B 122 7.42 -2.44 39.40
N GLU B 123 7.83 -2.19 40.64
CA GLU B 123 7.68 -0.85 41.18
C GLU B 123 8.53 0.16 40.41
N ASN B 124 9.75 -0.25 40.01
CA ASN B 124 10.63 0.65 39.28
C ASN B 124 10.01 1.08 37.95
N VAL B 125 9.46 0.13 37.20
CA VAL B 125 8.93 0.44 35.88
C VAL B 125 7.67 1.30 35.98
N LEU B 126 6.74 0.92 36.86
CA LEU B 126 5.47 1.65 36.96
C LEU B 126 5.68 3.06 37.54
N SER B 127 6.73 3.28 38.31
CA SER B 127 6.95 4.60 38.88
C SER B 127 7.35 5.62 37.82
N THR B 128 7.85 5.18 36.67
CA THR B 128 8.04 6.06 35.53
C THR B 128 6.78 6.15 34.67
N GLY B 129 5.65 5.62 35.15
CA GLY B 129 4.44 5.58 34.36
C GLY B 129 4.47 4.69 33.15
N ARG B 130 5.44 3.79 33.03
CA ARG B 130 5.53 2.90 31.88
C ARG B 130 4.80 1.58 32.14
N ASP B 131 4.58 0.83 31.07
CA ASP B 131 3.85 -0.42 31.10
C ASP B 131 4.79 -1.61 30.96
N MET B 132 4.37 -2.76 31.50
CA MET B 132 5.17 -3.98 31.52
C MET B 132 4.44 -5.15 30.87
N LEU B 133 5.18 -5.89 30.05
CA LEU B 133 4.69 -7.08 29.38
C LEU B 133 5.09 -8.32 30.18
N PHE B 134 4.12 -9.20 30.38
CA PHE B 134 4.29 -10.40 31.17
C PHE B 134 3.99 -11.63 30.32
N ASP B 135 4.86 -12.62 30.43
CA ASP B 135 4.69 -13.96 29.84
C ASP B 135 4.69 -14.92 31.02
N ILE B 136 3.52 -15.13 31.60
CA ILE B 136 3.36 -15.93 32.80
C ILE B 136 2.13 -16.82 32.60
N ASP B 137 1.82 -17.63 33.60
CA ASP B 137 0.67 -18.50 33.54
C ASP B 137 -0.42 -17.96 34.47
N TYR B 138 -1.50 -18.72 34.59
CA TYR B 138 -2.66 -18.23 35.33
C TYR B 138 -2.36 -18.04 36.81
N GLN B 139 -1.41 -18.80 37.36
CA GLN B 139 -1.08 -18.68 38.78
C GLN B 139 -0.46 -17.32 39.08
N GLY B 140 0.51 -16.91 38.27
CA GLY B 140 1.07 -15.58 38.41
C GLY B 140 0.05 -14.50 38.11
N THR B 141 -0.80 -14.75 37.11
CA THR B 141 -1.82 -13.78 36.71
C THR B 141 -2.75 -13.48 37.87
N LYS B 142 -3.21 -14.52 38.56
CA LYS B 142 -4.13 -14.31 39.69
C LYS B 142 -3.46 -13.54 40.82
N GLN B 143 -2.19 -13.83 41.12
CA GLN B 143 -1.51 -13.09 42.16
C GLN B 143 -1.38 -11.60 41.81
N LEU B 144 -1.04 -11.29 40.56
CA LEU B 144 -0.95 -9.89 40.16
C LEU B 144 -2.32 -9.20 40.23
N GLN B 145 -3.36 -9.88 39.75
CA GLN B 145 -4.69 -9.27 39.76
C GLN B 145 -5.22 -9.08 41.18
N LYS B 146 -4.89 -9.98 42.09
CA LYS B 146 -5.35 -9.82 43.47
C LYS B 146 -4.66 -8.63 44.14
N LYS B 147 -3.37 -8.44 43.84
CA LYS B 147 -2.59 -7.42 44.54
C LYS B 147 -2.77 -6.04 43.94
N MET B 148 -3.02 -5.93 42.63
CA MET B 148 -3.04 -4.66 41.91
C MET B 148 -4.27 -4.53 41.01
N PRO B 149 -5.48 -4.68 41.54
CA PRO B 149 -6.68 -4.53 40.70
C PRO B 149 -6.76 -3.11 40.13
N GLY B 150 -7.13 -3.02 38.87
CA GLY B 150 -7.08 -1.76 38.15
C GLY B 150 -5.79 -1.51 37.41
N ASP B 151 -4.69 -2.15 37.81
CA ASP B 151 -3.39 -1.93 37.18
C ASP B 151 -2.92 -3.13 36.37
N THR B 152 -3.82 -4.07 36.07
CA THR B 152 -3.49 -5.25 35.29
C THR B 152 -4.45 -5.36 34.12
N VAL B 153 -3.93 -5.86 33.00
CA VAL B 153 -4.72 -6.15 31.81
C VAL B 153 -4.29 -7.53 31.32
N SER B 154 -5.20 -8.51 31.35
CA SER B 154 -4.83 -9.89 31.04
C SER B 154 -5.52 -10.38 29.79
N VAL B 155 -4.75 -11.03 28.91
CA VAL B 155 -5.22 -11.52 27.63
C VAL B 155 -4.88 -13.01 27.49
N PHE B 156 -5.89 -13.83 27.22
CA PHE B 156 -5.72 -15.27 27.03
C PHE B 156 -5.84 -15.58 25.54
N ILE B 157 -4.84 -16.24 24.98
CA ILE B 157 -4.76 -16.53 23.55
C ILE B 157 -4.97 -18.03 23.35
N LEU B 158 -6.04 -18.40 22.65
CA LEU B 158 -6.45 -19.79 22.47
C LEU B 158 -6.26 -20.26 21.04
N PRO B 159 -6.03 -21.56 20.84
CA PRO B 159 -6.04 -22.10 19.48
C PRO B 159 -7.46 -22.18 18.93
N PRO B 160 -7.63 -22.15 17.61
CA PRO B 160 -8.98 -22.34 17.06
C PRO B 160 -9.46 -23.79 17.14
N SER B 161 -8.57 -24.74 17.36
CA SER B 161 -8.94 -26.13 17.58
C SER B 161 -7.75 -26.83 18.23
N MET B 162 -7.98 -28.02 18.78
CA MET B 162 -6.86 -28.77 19.32
C MET B 162 -6.01 -29.41 18.24
N LYS B 163 -6.55 -29.59 17.04
CA LYS B 163 -5.71 -30.03 15.93
C LYS B 163 -4.69 -28.95 15.58
N GLU B 164 -5.16 -27.71 15.42
CA GLU B 164 -4.23 -26.62 15.12
C GLU B 164 -3.26 -26.37 16.27
N LEU B 165 -3.69 -26.62 17.50
CA LEU B 165 -2.76 -26.50 18.61
C LEU B 165 -1.68 -27.55 18.53
N ILE B 166 -2.06 -28.80 18.25
CA ILE B 166 -1.14 -29.93 18.31
C ILE B 166 0.06 -29.69 17.40
N SER B 167 -0.16 -29.10 16.23
CA SER B 167 0.96 -28.77 15.35
C SER B 167 1.93 -27.84 16.07
N ARG B 168 1.41 -26.79 16.70
CA ARG B 168 2.27 -25.87 17.45
C ARG B 168 2.74 -26.50 18.76
N LEU B 169 1.80 -26.97 19.57
CA LEU B 169 2.14 -27.64 20.82
C LEU B 169 3.00 -28.89 20.57
N ASP B 175 7.94 -33.86 21.51
CA ASP B 175 8.69 -34.61 20.51
C ASP B 175 7.99 -35.93 20.24
N SER B 176 7.43 -36.52 21.29
CA SER B 176 6.86 -37.86 21.21
C SER B 176 5.41 -37.84 21.69
N GLN B 177 4.72 -38.96 21.44
CA GLN B 177 3.31 -39.08 21.82
C GLN B 177 3.14 -38.94 23.33
N ASP B 178 4.08 -39.48 24.10
CA ASP B 178 4.04 -39.33 25.56
C ASP B 178 4.35 -37.89 25.96
N ILE B 179 5.24 -37.22 25.21
CA ILE B 179 5.61 -35.85 25.55
C ILE B 179 4.49 -34.89 25.19
N ILE B 180 3.90 -35.05 24.00
CA ILE B 180 2.71 -34.31 23.63
C ILE B 180 1.64 -34.47 24.70
N ASN B 181 1.38 -35.72 25.10
CA ASN B 181 0.38 -35.98 26.14
C ASN B 181 0.62 -35.15 27.39
N LEU B 182 1.88 -34.87 27.71
CA LEU B 182 2.21 -34.08 28.88
C LEU B 182 2.05 -32.59 28.61
N ARG B 183 2.56 -32.10 27.48
CA ARG B 183 2.39 -30.69 27.16
C ARG B 183 0.93 -30.36 26.88
N LEU B 184 0.20 -31.29 26.27
CA LEU B 184 -1.24 -31.09 26.07
C LEU B 184 -1.96 -31.02 27.41
N LYS B 185 -1.61 -31.91 28.34
CA LYS B 185 -2.17 -31.82 29.68
C LYS B 185 -1.93 -30.44 30.28
N ASN B 186 -0.75 -29.88 30.07
CA ASN B 186 -0.42 -28.56 30.61
C ASN B 186 -1.29 -27.47 30.00
N ALA B 187 -1.47 -27.51 28.67
CA ALA B 187 -2.32 -26.51 28.03
C ALA B 187 -3.76 -26.62 28.52
N ARG B 188 -4.27 -27.86 28.69
CA ARG B 188 -5.64 -28.05 29.15
C ARG B 188 -5.82 -27.57 30.59
N THR B 189 -4.81 -27.79 31.42
CA THR B 189 -4.88 -27.30 32.79
C THR B 189 -4.91 -25.77 32.83
N GLU B 190 -4.20 -25.12 31.92
CA GLU B 190 -4.23 -23.66 31.92
C GLU B 190 -5.54 -23.14 31.37
N MET B 191 -6.06 -23.78 30.32
CA MET B 191 -7.33 -23.38 29.74
C MET B 191 -8.47 -23.48 30.74
N GLN B 192 -8.36 -24.35 31.74
CA GLN B 192 -9.36 -24.40 32.80
C GLN B 192 -9.52 -23.07 33.54
N HIS B 193 -8.53 -22.19 33.52
CA HIS B 193 -8.57 -20.96 34.28
C HIS B 193 -8.85 -19.74 33.41
N TRP B 194 -9.54 -19.94 32.28
CA TRP B 194 -9.80 -18.85 31.35
C TRP B 194 -10.59 -17.71 31.98
N ARG B 195 -11.43 -17.99 32.99
CA ARG B 195 -12.25 -16.94 33.56
C ARG B 195 -11.45 -15.89 34.33
N SER B 196 -10.15 -16.14 34.57
CA SER B 196 -9.30 -15.14 35.20
C SER B 196 -8.82 -14.06 34.23
N TYR B 197 -9.20 -14.11 32.95
CA TYR B 197 -8.62 -13.21 31.95
C TYR B 197 -9.65 -12.17 31.47
N ASP B 198 -9.20 -10.91 31.35
CA ASP B 198 -10.11 -9.83 30.90
C ASP B 198 -10.55 -10.05 29.48
N TYR B 199 -9.63 -10.45 28.62
CA TYR B 199 -9.89 -10.64 27.21
C TYR B 199 -9.47 -12.05 26.82
N VAL B 200 -10.19 -12.62 25.86
CA VAL B 200 -9.86 -13.92 25.30
C VAL B 200 -9.86 -13.80 23.80
N ILE B 201 -8.78 -14.25 23.17
CA ILE B 201 -8.60 -14.15 21.73
C ILE B 201 -8.38 -15.54 21.17
N ILE B 202 -9.02 -15.82 20.04
CA ILE B 202 -8.80 -17.08 19.35
C ILE B 202 -7.82 -16.82 18.22
N ASN B 203 -6.63 -17.41 18.36
CA ASN B 203 -5.51 -17.17 17.45
C ASN B 203 -5.72 -17.98 16.16
N GLU B 204 -6.64 -17.49 15.33
CA GLU B 204 -6.83 -18.11 14.02
C GLU B 204 -5.70 -17.72 13.07
N ASN B 205 -5.39 -16.43 13.01
CA ASN B 205 -4.33 -15.88 12.18
C ASN B 205 -3.44 -15.01 13.05
N LEU B 206 -2.12 -15.19 12.91
CA LEU B 206 -1.18 -14.49 13.79
C LEU B 206 -1.24 -12.98 13.60
N ASN B 207 -1.41 -12.51 12.36
CA ASN B 207 -1.42 -11.06 12.12
C ASN B 207 -2.66 -10.42 12.72
N GLN B 208 -3.81 -11.08 12.60
CA GLN B 208 -5.02 -10.58 13.25
C GLN B 208 -4.88 -10.58 14.77
N SER B 209 -4.22 -11.59 15.32
CA SER B 209 -4.03 -11.64 16.77
C SER B 209 -3.10 -10.53 17.24
N VAL B 210 -2.05 -10.24 16.47
CA VAL B 210 -1.16 -9.13 16.83
C VAL B 210 -1.93 -7.82 16.80
N SER B 211 -2.81 -7.66 15.80
CA SER B 211 -3.59 -6.43 15.70
C SER B 211 -4.59 -6.32 16.83
N LEU B 212 -5.18 -7.45 17.26
CA LEU B 212 -6.11 -7.43 18.39
C LEU B 212 -5.39 -7.12 19.69
N ILE B 213 -4.22 -7.73 19.91
CA ILE B 213 -3.48 -7.50 21.15
C ILE B 213 -3.04 -6.03 21.22
N LYS B 214 -2.66 -5.45 20.08
CA LYS B 214 -2.28 -4.04 20.07
C LYS B 214 -3.49 -3.13 20.29
N SER B 215 -4.66 -3.49 19.76
CA SER B 215 -5.86 -2.71 20.02
C SER B 215 -6.21 -2.70 21.50
N ILE B 216 -6.14 -3.87 22.14
CA ILE B 216 -6.42 -3.96 23.57
C ILE B 216 -5.45 -3.07 24.35
N TYR B 217 -4.15 -3.17 24.03
CA TYR B 217 -3.16 -2.30 24.67
C TYR B 217 -3.52 -0.84 24.51
N LEU B 218 -3.76 -0.40 23.26
CA LEU B 218 -4.05 1.01 23.01
C LEU B 218 -5.31 1.45 23.74
N ALA B 219 -6.36 0.62 23.71
CA ALA B 219 -7.59 0.92 24.41
C ALA B 219 -7.34 1.18 25.88
N GLU B 220 -6.47 0.37 26.49
CA GLU B 220 -6.26 0.48 27.92
C GLU B 220 -5.45 1.72 28.28
N THR B 221 -4.64 2.24 27.35
CA THR B 221 -3.91 3.47 27.63
C THR B 221 -4.82 4.69 27.76
N VAL B 222 -6.06 4.63 27.25
CA VAL B 222 -6.97 5.74 27.39
C VAL B 222 -8.19 5.37 28.24
N LYS B 223 -8.04 4.39 29.12
CA LYS B 223 -9.13 4.04 30.02
C LYS B 223 -9.20 5.08 31.14
N ARG B 224 -10.41 5.64 31.35
CA ARG B 224 -10.54 6.84 32.19
C ARG B 224 -10.02 6.61 33.60
N GLU B 225 -10.17 5.38 34.09
CA GLU B 225 -9.94 5.06 35.49
C GLU B 225 -8.45 5.16 35.86
N ARG B 226 -7.54 5.00 34.90
CA ARG B 226 -6.11 5.10 35.21
C ARG B 226 -5.48 6.38 34.69
N CYS B 227 -6.25 7.28 34.06
CA CYS B 227 -5.69 8.49 33.45
C CYS B 227 -5.88 9.66 34.42
N PHE B 228 -5.03 9.69 35.45
CA PHE B 228 -5.21 10.66 36.53
C PHE B 228 -4.98 12.10 36.08
N PHE B 229 -4.37 12.32 34.91
CA PHE B 229 -4.19 13.68 34.42
C PHE B 229 -5.51 14.32 34.01
N LEU B 230 -6.57 13.54 33.80
CA LEU B 230 -7.76 14.08 33.17
C LEU B 230 -8.40 15.17 34.01
N GLU B 231 -8.45 15.00 35.33
CA GLU B 231 -9.13 16.00 36.14
C GLU B 231 -8.49 17.37 36.00
N PRO B 232 -7.18 17.56 36.28
CA PRO B 232 -6.62 18.91 36.07
C PRO B 232 -6.64 19.33 34.61
N PHE B 233 -6.55 18.39 33.66
CA PHE B 233 -6.55 18.80 32.26
C PHE B 233 -7.94 19.31 31.84
N ILE B 234 -9.00 18.63 32.29
CA ILE B 234 -10.36 19.01 31.90
C ILE B 234 -10.81 20.26 32.66
N ASN B 235 -10.43 20.39 33.94
CA ASN B 235 -10.66 21.67 34.62
C ASN B 235 -9.92 22.80 33.95
N GLY B 236 -8.74 22.52 33.38
CA GLY B 236 -8.04 23.54 32.61
C GLY B 236 -8.79 23.91 31.36
N LEU B 237 -9.38 22.92 30.69
CA LEU B 237 -10.22 23.21 29.53
C LEU B 237 -11.41 24.07 29.92
N ILE B 238 -12.10 23.70 31.01
CA ILE B 238 -13.28 24.46 31.42
C ILE B 238 -12.91 25.90 31.81
N ALA B 239 -11.73 26.11 32.39
CA ALA B 239 -11.31 27.42 32.88
C ALA B 239 -10.54 28.25 31.86
N GLU B 240 -10.23 27.70 30.69
CA GLU B 240 -9.31 28.34 29.76
C GLU B 240 -9.80 29.72 29.34
N LYS B 241 -8.87 30.67 29.25
CA LYS B 241 -9.17 32.00 28.74
C LYS B 241 -9.22 31.99 27.22
N ILE B 242 -10.27 32.58 26.65
CA ILE B 242 -10.45 32.54 25.20
C ILE B 242 -9.82 33.74 24.50
N GLN C 37 5.01 34.35 -28.35
CA GLN C 37 5.91 33.37 -27.74
C GLN C 37 5.25 32.02 -27.52
N ARG C 38 3.94 31.99 -27.33
CA ARG C 38 3.28 30.72 -27.05
C ARG C 38 1.86 30.74 -27.58
N ARG C 39 1.27 29.55 -27.67
CA ARG C 39 -0.13 29.45 -28.01
C ARG C 39 -0.98 29.92 -26.84
N GLY C 40 -2.00 30.71 -27.15
CA GLY C 40 -3.05 30.96 -26.18
C GLY C 40 -3.85 29.70 -25.89
N PHE C 41 -4.54 29.68 -24.75
CA PHE C 41 -5.44 28.58 -24.47
C PHE C 41 -6.76 29.10 -23.93
N LEU C 42 -7.76 28.21 -23.96
CA LEU C 42 -9.07 28.49 -23.43
C LEU C 42 -9.16 27.89 -22.04
N PHE C 43 -9.35 28.74 -21.04
CA PHE C 43 -9.35 28.35 -19.63
C PHE C 43 -10.80 28.15 -19.23
N ILE C 44 -11.22 26.89 -19.07
CA ILE C 44 -12.63 26.55 -18.93
C ILE C 44 -12.92 26.17 -17.48
N LEU C 45 -13.83 26.92 -16.85
CA LEU C 45 -14.30 26.67 -15.49
C LEU C 45 -15.76 26.27 -15.52
N SER C 46 -16.06 25.15 -14.88
CA SER C 46 -17.41 24.64 -14.81
C SER C 46 -17.66 24.14 -13.41
N SER C 47 -18.93 24.02 -13.07
CA SER C 47 -19.33 23.55 -11.76
C SER C 47 -20.77 23.10 -11.83
N PRO C 48 -21.26 22.37 -10.83
CA PRO C 48 -22.69 22.33 -10.59
C PRO C 48 -23.11 23.67 -9.97
N SER C 49 -24.18 24.25 -10.50
CA SER C 49 -24.59 25.58 -10.11
C SER C 49 -24.67 25.69 -8.59
N GLY C 50 -24.11 26.76 -8.04
CA GLY C 50 -24.07 26.96 -6.60
C GLY C 50 -22.80 26.51 -5.91
N ALA C 51 -21.77 26.13 -6.67
CA ALA C 51 -20.50 25.72 -6.10
C ALA C 51 -19.55 26.89 -5.87
N GLY C 52 -19.99 28.12 -6.15
CA GLY C 52 -19.13 29.28 -6.01
C GLY C 52 -18.32 29.62 -7.23
N LYS C 53 -18.70 29.11 -8.41
CA LYS C 53 -17.91 29.31 -9.61
C LYS C 53 -18.00 30.74 -10.13
N SER C 54 -19.12 31.42 -9.93
CA SER C 54 -19.28 32.78 -10.43
CA SER C 54 -19.28 32.78 -10.43
C SER C 54 -18.34 33.75 -9.69
N THR C 55 -18.38 33.74 -8.36
CA THR C 55 -17.51 34.62 -7.59
C THR C 55 -16.05 34.41 -7.97
N LEU C 56 -15.66 33.16 -8.19
CA LEU C 56 -14.31 32.86 -8.68
C LEU C 56 -14.00 33.63 -9.94
N SER C 57 -14.95 33.70 -10.88
CA SER C 57 -14.65 34.25 -12.19
C SER C 57 -14.21 35.71 -12.09
N ARG C 58 -14.92 36.50 -11.28
CA ARG C 58 -14.51 37.90 -11.11
C ARG C 58 -13.15 38.00 -10.44
N LEU C 59 -12.89 37.13 -9.45
CA LEU C 59 -11.58 37.16 -8.80
C LEU C 59 -10.47 36.76 -9.75
N LEU C 60 -10.76 35.92 -10.74
CA LEU C 60 -9.74 35.49 -11.68
C LEU C 60 -9.50 36.49 -12.80
N LEU C 61 -10.45 37.39 -13.05
CA LEU C 61 -10.29 38.40 -14.07
C LEU C 61 -9.59 39.66 -13.57
N LYS C 62 -9.28 39.74 -12.27
CA LYS C 62 -8.83 41.00 -11.69
C LYS C 62 -7.51 41.47 -12.29
N ASP C 63 -6.58 40.57 -12.55
CA ASP C 63 -5.23 40.96 -12.95
C ASP C 63 -5.07 41.21 -14.45
N GLY C 64 -6.11 40.96 -15.24
CA GLY C 64 -6.09 41.29 -16.66
C GLY C 64 -5.51 40.23 -17.57
N LYS C 65 -4.98 39.13 -17.04
CA LYS C 65 -4.39 38.12 -17.91
C LYS C 65 -5.43 37.37 -18.74
N LEU C 66 -6.63 37.21 -18.21
CA LEU C 66 -7.69 36.46 -18.88
C LEU C 66 -8.75 37.42 -19.43
N GLU C 67 -9.18 37.16 -20.65
CA GLU C 67 -10.33 37.83 -21.24
C GLU C 67 -11.55 36.94 -21.07
N LEU C 68 -12.66 37.53 -20.61
CA LEU C 68 -13.88 36.77 -20.44
C LEU C 68 -14.59 36.62 -21.78
N SER C 69 -14.89 35.38 -22.15
CA SER C 69 -15.68 35.12 -23.34
C SER C 69 -17.12 35.53 -23.08
N ILE C 70 -17.67 36.36 -23.95
CA ILE C 70 -19.07 36.79 -23.84
C ILE C 70 -19.89 35.96 -24.81
N SER C 71 -20.79 35.14 -24.29
CA SER C 71 -21.63 34.29 -25.12
C SER C 71 -22.79 35.07 -25.70
N MET C 72 -23.15 34.77 -26.95
CA MET C 72 -24.46 35.18 -27.48
C MET C 72 -25.54 34.32 -26.85
N THR C 73 -26.74 34.87 -26.71
CA THR C 73 -27.81 34.10 -26.08
C THR C 73 -29.17 34.51 -26.65
N THR C 74 -30.10 33.55 -26.68
CA THR C 74 -31.49 33.83 -27.06
C THR C 74 -32.37 34.13 -25.86
N ARG C 75 -31.84 34.06 -24.65
CA ARG C 75 -32.59 34.44 -23.47
C ARG C 75 -32.97 35.92 -23.53
N GLN C 76 -34.17 36.24 -23.04
CA GLN C 76 -34.65 37.62 -23.04
C GLN C 76 -33.82 38.47 -22.08
N LYS C 77 -33.46 39.68 -22.54
CA LYS C 77 -32.67 40.59 -21.72
C LYS C 77 -33.48 41.07 -20.54
N ARG C 78 -33.06 40.69 -19.32
CA ARG C 78 -33.70 41.22 -18.12
C ARG C 78 -33.41 42.72 -18.01
N PRO C 79 -34.36 43.52 -17.49
CA PRO C 79 -34.23 44.98 -17.60
C PRO C 79 -32.98 45.55 -16.95
N SER C 80 -32.37 44.84 -16.01
CA SER C 80 -31.18 45.33 -15.33
C SER C 80 -29.88 44.92 -16.01
N GLU C 81 -29.95 44.19 -17.12
CA GLU C 81 -28.77 43.64 -17.77
C GLU C 81 -28.26 44.55 -18.89
N VAL C 82 -26.95 44.53 -19.10
CA VAL C 82 -26.29 45.32 -20.13
C VAL C 82 -25.70 44.37 -21.17
N ASP C 83 -26.04 44.60 -22.45
CA ASP C 83 -25.55 43.76 -23.52
C ASP C 83 -24.03 43.93 -23.65
N GLY C 84 -23.31 42.82 -23.53
CA GLY C 84 -21.86 42.83 -23.54
C GLY C 84 -21.23 42.62 -22.18
N LEU C 85 -22.01 42.78 -21.10
CA LEU C 85 -21.45 42.63 -19.76
C LEU C 85 -21.11 41.17 -19.47
N HIS C 86 -22.02 40.26 -19.78
CA HIS C 86 -21.71 38.84 -19.72
C HIS C 86 -22.24 38.15 -20.99
N TYR C 87 -23.39 38.61 -21.49
CA TYR C 87 -24.03 38.03 -22.67
C TYR C 87 -24.39 39.11 -23.68
N HIS C 88 -24.35 38.75 -24.95
CA HIS C 88 -25.02 39.50 -26.00
C HIS C 88 -26.40 38.89 -26.22
N PHE C 89 -27.44 39.71 -26.10
CA PHE C 89 -28.81 39.24 -26.22
C PHE C 89 -29.26 39.43 -27.67
N ILE C 90 -29.55 38.32 -28.35
CA ILE C 90 -29.96 38.34 -29.74
C ILE C 90 -31.21 37.48 -29.89
N SER C 91 -31.88 37.64 -31.04
CA SER C 91 -33.10 36.89 -31.33
C SER C 91 -32.77 35.44 -31.70
N LYS C 92 -33.81 34.61 -31.69
CA LYS C 92 -33.66 33.23 -32.14
C LYS C 92 -33.38 33.15 -33.64
N LYS C 93 -33.92 34.11 -34.41
CA LYS C 93 -33.66 34.14 -35.84
C LYS C 93 -32.21 34.47 -36.12
N GLU C 94 -31.66 35.47 -35.45
CA GLU C 94 -30.28 35.85 -35.70
C GLU C 94 -29.31 34.77 -35.21
N PHE C 95 -29.68 34.07 -34.13
CA PHE C 95 -28.84 32.97 -33.65
C PHE C 95 -28.79 31.84 -34.65
N LYS C 96 -29.95 31.41 -35.16
CA LYS C 96 -29.96 30.33 -36.15
C LYS C 96 -29.18 30.74 -37.40
N ARG C 97 -29.28 32.01 -37.80
CA ARG C 97 -28.51 32.47 -38.96
C ARG C 97 -27.01 32.41 -38.68
N LYS C 98 -26.59 32.82 -37.49
CA LYS C 98 -25.18 32.72 -37.15
C LYS C 98 -24.74 31.26 -37.07
N ARG C 99 -25.56 30.42 -36.45
CA ARG C 99 -25.23 29.00 -36.39
C ARG C 99 -25.15 28.41 -37.80
N ASP C 100 -26.08 28.80 -38.68
CA ASP C 100 -26.09 28.33 -40.06
C ASP C 100 -24.88 28.81 -40.84
N GLY C 101 -24.34 29.99 -40.49
CA GLY C 101 -23.13 30.48 -41.10
C GLY C 101 -21.83 30.00 -40.48
N ASN C 102 -21.88 28.98 -39.62
CA ASN C 102 -20.69 28.44 -38.93
C ASN C 102 -19.98 29.48 -38.08
N GLU C 103 -20.71 30.46 -37.56
CA GLU C 103 -20.10 31.50 -36.76
C GLU C 103 -19.80 31.08 -35.32
N PHE C 104 -20.35 29.96 -34.84
CA PHE C 104 -20.17 29.53 -33.46
C PHE C 104 -19.13 28.42 -33.39
N ILE C 105 -18.09 28.63 -32.58
CA ILE C 105 -17.17 27.55 -32.28
C ILE C 105 -17.80 26.57 -31.30
N GLU C 106 -18.81 27.02 -30.56
CA GLU C 106 -19.48 26.21 -29.56
C GLU C 106 -20.86 26.81 -29.33
N TRP C 107 -21.89 25.96 -29.31
CA TRP C 107 -23.23 26.40 -28.96
C TRP C 107 -23.98 25.21 -28.38
N ALA C 108 -24.97 25.51 -27.54
CA ALA C 108 -25.79 24.48 -26.92
C ALA C 108 -27.03 25.13 -26.35
N GLU C 109 -27.97 24.30 -25.92
CA GLU C 109 -29.12 24.74 -25.13
C GLU C 109 -28.87 24.41 -23.66
N VAL C 110 -28.75 25.44 -22.84
CA VAL C 110 -28.48 25.30 -21.40
C VAL C 110 -29.64 25.93 -20.66
N HIS C 111 -30.31 25.13 -19.82
CA HIS C 111 -31.41 25.59 -18.97
C HIS C 111 -32.56 26.19 -19.78
N GLY C 112 -32.75 25.73 -21.03
CA GLY C 112 -33.88 26.12 -21.83
C GLY C 112 -33.64 27.23 -22.83
N ASN C 113 -32.42 27.75 -22.93
CA ASN C 113 -32.09 28.83 -23.85
C ASN C 113 -30.87 28.46 -24.68
N TYR C 114 -30.67 29.18 -25.78
CA TYR C 114 -29.54 28.97 -26.67
C TYR C 114 -28.38 29.89 -26.29
N TYR C 115 -27.17 29.34 -26.23
CA TYR C 115 -25.97 30.10 -25.91
C TYR C 115 -24.85 29.67 -26.86
N GLY C 116 -24.02 30.63 -27.28
CA GLY C 116 -22.97 30.33 -28.22
C GLY C 116 -21.77 31.24 -28.09
N THR C 117 -20.59 30.69 -28.41
CA THR C 117 -19.35 31.44 -28.46
C THR C 117 -18.96 31.70 -29.92
N LEU C 118 -18.72 32.97 -30.24
CA LEU C 118 -18.30 33.35 -31.59
C LEU C 118 -16.90 32.82 -31.86
N ARG C 119 -16.78 32.04 -32.93
CA ARG C 119 -15.48 31.62 -33.43
C ARG C 119 -14.53 32.81 -33.65
N GLU C 120 -15.02 33.89 -34.25
CA GLU C 120 -14.15 35.03 -34.54
C GLU C 120 -13.59 35.63 -33.27
N SER C 121 -14.37 35.61 -32.19
CA SER C 121 -13.94 36.20 -30.93
C SER C 121 -12.82 35.38 -30.31
N VAL C 122 -12.91 34.05 -30.41
CA VAL C 122 -11.86 33.17 -29.92
C VAL C 122 -10.60 33.32 -30.77
N GLU C 123 -10.76 33.31 -32.08
CA GLU C 123 -9.61 33.49 -32.97
C GLU C 123 -8.90 34.81 -32.70
N ASN C 124 -9.66 35.88 -32.47
CA ASN C 124 -9.06 37.19 -32.23
C ASN C 124 -8.13 37.15 -31.02
N VAL C 125 -8.63 36.65 -29.89
CA VAL C 125 -7.83 36.63 -28.67
C VAL C 125 -6.67 35.65 -28.80
N LEU C 126 -6.95 34.42 -29.27
CA LEU C 126 -5.92 33.39 -29.31
C LEU C 126 -4.81 33.69 -30.31
N SER C 127 -5.13 34.37 -31.41
CA SER C 127 -4.09 34.66 -32.39
C SER C 127 -2.96 35.48 -31.78
N THR C 128 -3.28 36.32 -30.80
CA THR C 128 -2.31 37.18 -30.12
C THR C 128 -1.65 36.48 -28.94
N GLY C 129 -1.93 35.20 -28.72
CA GLY C 129 -1.34 34.47 -27.62
C GLY C 129 -1.96 34.73 -26.27
N ARG C 130 -3.06 35.50 -26.21
CA ARG C 130 -3.75 35.74 -24.96
C ARG C 130 -4.66 34.55 -24.63
N ASP C 131 -5.14 34.53 -23.40
CA ASP C 131 -5.94 33.43 -22.89
C ASP C 131 -7.36 33.91 -22.60
N MET C 132 -8.30 32.99 -22.78
CA MET C 132 -9.71 33.28 -22.59
C MET C 132 -10.25 32.47 -21.42
N LEU C 133 -11.07 33.11 -20.60
CA LEU C 133 -11.79 32.47 -19.51
C LEU C 133 -13.22 32.16 -19.98
N PHE C 134 -13.65 30.92 -19.75
CA PHE C 134 -14.97 30.45 -20.14
C PHE C 134 -15.73 30.03 -18.90
N ASP C 135 -16.99 30.47 -18.82
CA ASP C 135 -17.92 30.02 -17.79
C ASP C 135 -19.04 29.31 -18.53
N ILE C 136 -18.85 28.01 -18.81
CA ILE C 136 -19.80 27.21 -19.56
C ILE C 136 -19.94 25.86 -18.88
N ASP C 137 -20.91 25.08 -19.34
CA ASP C 137 -21.16 23.74 -18.82
C ASP C 137 -20.41 22.69 -19.65
N TYR C 138 -20.73 21.41 -19.41
CA TYR C 138 -20.02 20.32 -20.07
C TYR C 138 -20.29 20.29 -21.57
N GLN C 139 -21.53 20.61 -21.99
CA GLN C 139 -21.86 20.59 -23.42
C GLN C 139 -20.94 21.50 -24.20
N GLY C 140 -20.73 22.71 -23.69
CA GLY C 140 -19.80 23.61 -24.35
C GLY C 140 -18.37 23.15 -24.21
N THR C 141 -18.03 22.55 -23.06
CA THR C 141 -16.64 22.13 -22.84
C THR C 141 -16.24 21.04 -23.83
N LYS C 142 -17.11 20.05 -24.04
CA LYS C 142 -16.77 18.96 -24.93
C LYS C 142 -16.60 19.44 -26.36
N GLN C 143 -17.37 20.44 -26.78
CA GLN C 143 -17.17 20.95 -28.13
C GLN C 143 -15.80 21.61 -28.27
N LEU C 144 -15.42 22.42 -27.28
CA LEU C 144 -14.11 23.09 -27.35
C LEU C 144 -12.97 22.08 -27.26
N GLN C 145 -13.09 21.09 -26.37
CA GLN C 145 -12.02 20.10 -26.23
C GLN C 145 -11.87 19.23 -27.46
N LYS C 146 -12.97 18.94 -28.18
CA LYS C 146 -12.85 18.12 -29.39
C LYS C 146 -12.32 18.94 -30.57
N LYS C 147 -12.72 20.21 -30.69
CA LYS C 147 -12.23 21.03 -31.79
C LYS C 147 -10.79 21.49 -31.62
N MET C 148 -10.33 21.74 -30.39
CA MET C 148 -9.00 22.32 -30.18
C MET C 148 -8.20 21.53 -29.13
N PRO C 149 -7.86 20.28 -29.42
CA PRO C 149 -7.05 19.50 -28.47
C PRO C 149 -5.71 20.18 -28.28
N GLY C 150 -5.27 20.23 -27.01
CA GLY C 150 -4.06 20.92 -26.64
C GLY C 150 -4.26 22.38 -26.29
N ASP C 151 -5.35 23.00 -26.74
CA ASP C 151 -5.55 24.42 -26.50
C ASP C 151 -6.62 24.71 -25.45
N THR C 152 -7.09 23.70 -24.73
CA THR C 152 -8.05 23.89 -23.65
C THR C 152 -7.47 23.41 -22.34
N VAL C 153 -7.91 24.04 -21.26
CA VAL C 153 -7.54 23.72 -19.90
C VAL C 153 -8.85 23.80 -19.11
N SER C 154 -9.34 22.66 -18.64
CA SER C 154 -10.67 22.58 -18.05
C SER C 154 -10.56 22.28 -16.56
N VAL C 155 -11.31 23.04 -15.76
CA VAL C 155 -11.30 22.91 -14.30
C VAL C 155 -12.75 22.78 -13.80
N PHE C 156 -13.02 21.70 -13.08
CA PHE C 156 -14.33 21.44 -12.49
C PHE C 156 -14.30 21.77 -11.00
N ILE C 157 -15.27 22.54 -10.54
CA ILE C 157 -15.30 23.04 -9.17
C ILE C 157 -16.44 22.37 -8.42
N LEU C 158 -16.11 21.60 -7.37
CA LEU C 158 -17.10 20.85 -6.61
C LEU C 158 -17.44 21.56 -5.31
N PRO C 159 -18.68 21.44 -4.87
CA PRO C 159 -19.03 21.89 -3.52
C PRO C 159 -18.50 20.93 -2.48
N PRO C 160 -18.23 21.41 -1.26
CA PRO C 160 -17.81 20.49 -0.20
C PRO C 160 -18.95 19.62 0.31
N SER C 161 -20.20 19.98 0.07
CA SER C 161 -21.35 19.18 0.50
C SER C 161 -22.57 19.71 -0.22
N MET C 162 -23.60 18.86 -0.30
CA MET C 162 -24.86 19.34 -0.87
C MET C 162 -25.50 20.39 0.02
N LYS C 163 -25.28 20.31 1.34
CA LYS C 163 -25.78 21.35 2.23
C LYS C 163 -25.24 22.72 1.83
N GLU C 164 -23.94 22.81 1.52
CA GLU C 164 -23.36 24.10 1.16
C GLU C 164 -23.87 24.59 -0.18
N LEU C 165 -24.05 23.67 -1.14
CA LEU C 165 -24.59 24.05 -2.43
C LEU C 165 -26.05 24.48 -2.32
N ILE C 166 -26.85 23.71 -1.56
CA ILE C 166 -28.23 24.07 -1.29
C ILE C 166 -28.31 25.48 -0.72
N SER C 167 -27.35 25.84 0.14
CA SER C 167 -27.32 27.18 0.72
C SER C 167 -27.10 28.25 -0.34
N ARG C 168 -26.08 28.07 -1.19
CA ARG C 168 -25.78 29.07 -2.21
C ARG C 168 -26.94 29.22 -3.19
N LEU C 169 -27.63 28.11 -3.52
CA LEU C 169 -28.79 28.20 -4.39
C LEU C 169 -29.90 29.04 -3.75
N TYR C 170 -30.21 28.78 -2.47
CA TYR C 170 -31.30 29.48 -1.80
C TYR C 170 -31.06 30.99 -1.71
N ARG C 171 -29.79 31.41 -1.61
CA ARG C 171 -29.46 32.82 -1.51
C ARG C 171 -30.01 33.60 -2.69
N ARG C 172 -29.80 33.10 -3.90
CA ARG C 172 -30.31 33.75 -5.12
C ARG C 172 -31.85 33.70 -5.16
N ASP C 175 -34.33 31.59 -5.27
CA ASP C 175 -35.49 32.21 -4.63
C ASP C 175 -36.55 31.18 -4.25
N SER C 176 -37.31 30.70 -5.24
CA SER C 176 -38.45 29.85 -4.96
C SER C 176 -38.02 28.41 -4.70
N GLN C 177 -38.80 27.72 -3.87
CA GLN C 177 -38.50 26.32 -3.56
C GLN C 177 -38.52 25.46 -4.82
N ASP C 178 -39.53 25.66 -5.68
CA ASP C 178 -39.64 24.85 -6.89
C ASP C 178 -38.42 24.99 -7.78
N ILE C 179 -37.84 26.19 -7.85
CA ILE C 179 -36.65 26.39 -8.67
C ILE C 179 -35.41 25.79 -8.02
N ILE C 180 -35.35 25.78 -6.68
CA ILE C 180 -34.22 25.20 -5.97
C ILE C 180 -34.13 23.70 -6.27
N ASN C 181 -35.25 23.00 -6.10
CA ASN C 181 -35.30 21.56 -6.36
C ASN C 181 -34.89 21.22 -7.78
N LEU C 182 -35.20 22.10 -8.74
CA LEU C 182 -34.83 21.83 -10.12
C LEU C 182 -33.33 22.00 -10.32
N ARG C 183 -32.77 23.10 -9.84
CA ARG C 183 -31.34 23.35 -9.99
C ARG C 183 -30.52 22.30 -9.27
N LEU C 184 -31.02 21.83 -8.12
CA LEU C 184 -30.37 20.73 -7.41
C LEU C 184 -30.31 19.48 -8.28
N LYS C 185 -31.43 19.12 -8.93
CA LYS C 185 -31.43 17.96 -9.81
C LYS C 185 -30.44 18.11 -10.94
N ASN C 186 -30.41 19.30 -11.57
CA ASN C 186 -29.45 19.55 -12.64
C ASN C 186 -28.01 19.49 -12.11
N ALA C 187 -27.81 19.88 -10.85
CA ALA C 187 -26.48 19.83 -10.26
C ALA C 187 -25.97 18.40 -10.18
N ARG C 188 -26.83 17.45 -9.78
CA ARG C 188 -26.42 16.06 -9.74
C ARG C 188 -26.08 15.54 -11.14
N THR C 189 -26.80 16.01 -12.15
CA THR C 189 -26.57 15.51 -13.52
C THR C 189 -25.28 16.07 -14.10
N GLU C 190 -25.02 17.37 -13.90
CA GLU C 190 -23.78 17.96 -14.41
C GLU C 190 -22.56 17.34 -13.73
N MET C 191 -22.66 17.02 -12.43
CA MET C 191 -21.56 16.40 -11.69
C MET C 191 -21.13 15.06 -12.30
N GLN C 192 -22.00 14.39 -13.06
CA GLN C 192 -21.61 13.13 -13.68
C GLN C 192 -20.51 13.32 -14.72
N HIS C 193 -20.28 14.54 -15.20
CA HIS C 193 -19.32 14.78 -16.27
C HIS C 193 -17.98 15.25 -15.74
N TRP C 194 -17.71 15.00 -14.46
CA TRP C 194 -16.45 15.41 -13.88
C TRP C 194 -15.25 14.76 -14.58
N ARG C 195 -15.45 13.59 -15.19
CA ARG C 195 -14.35 12.85 -15.81
C ARG C 195 -13.84 13.48 -17.09
N SER C 196 -14.50 14.51 -17.60
CA SER C 196 -14.03 15.17 -18.80
C SER C 196 -13.17 16.39 -18.51
N TYR C 197 -12.87 16.66 -17.24
CA TYR C 197 -12.12 17.84 -16.84
C TYR C 197 -10.69 17.46 -16.47
N ASP C 198 -9.74 18.30 -16.88
CA ASP C 198 -8.34 18.08 -16.54
C ASP C 198 -8.09 18.17 -15.05
N TYR C 199 -8.71 19.16 -14.39
CA TYR C 199 -8.50 19.40 -12.96
C TYR C 199 -9.85 19.46 -12.27
N VAL C 200 -9.90 18.94 -11.04
CA VAL C 200 -11.09 18.99 -10.21
C VAL C 200 -10.70 19.58 -8.87
N ILE C 201 -11.49 20.54 -8.39
CA ILE C 201 -11.23 21.24 -7.14
C ILE C 201 -12.46 21.15 -6.25
N ILE C 202 -12.24 20.91 -4.97
CA ILE C 202 -13.29 20.99 -3.97
C ILE C 202 -13.17 22.35 -3.31
N ASN C 203 -14.24 23.14 -3.40
CA ASN C 203 -14.25 24.52 -2.96
C ASN C 203 -14.60 24.58 -1.46
N GLU C 204 -13.63 24.20 -0.64
CA GLU C 204 -13.79 24.22 0.80
C GLU C 204 -13.51 25.60 1.40
N ASN C 205 -12.55 26.30 0.81
CA ASN C 205 -12.11 27.61 1.27
C ASN C 205 -11.87 28.45 0.03
N LEU C 206 -12.54 29.60 -0.05
CA LEU C 206 -12.60 30.33 -1.31
C LEU C 206 -11.24 30.87 -1.71
N ASN C 207 -10.48 31.38 -0.74
CA ASN C 207 -9.13 31.86 -1.04
C ASN C 207 -8.24 30.73 -1.54
N GLN C 208 -8.33 29.56 -0.92
CA GLN C 208 -7.54 28.43 -1.39
C GLN C 208 -7.94 28.05 -2.82
N SER C 209 -9.24 28.07 -3.10
CA SER C 209 -9.70 27.71 -4.44
C SER C 209 -9.16 28.68 -5.48
N VAL C 210 -9.14 29.97 -5.16
CA VAL C 210 -8.58 30.97 -6.08
C VAL C 210 -7.09 30.72 -6.26
N SER C 211 -6.37 30.49 -5.16
CA SER C 211 -4.95 30.19 -5.24
C SER C 211 -4.68 28.93 -6.08
N LEU C 212 -5.50 27.89 -5.93
CA LEU C 212 -5.28 26.68 -6.72
C LEU C 212 -5.49 26.95 -8.20
N ILE C 213 -6.54 27.71 -8.53
CA ILE C 213 -6.85 27.94 -9.94
C ILE C 213 -5.81 28.85 -10.57
N LYS C 214 -5.29 29.82 -9.82
CA LYS C 214 -4.22 30.65 -10.35
C LYS C 214 -2.95 29.82 -10.62
N SER C 215 -2.66 28.84 -9.76
CA SER C 215 -1.49 27.99 -9.96
C SER C 215 -1.67 27.11 -11.20
N ILE C 216 -2.87 26.59 -11.40
CA ILE C 216 -3.17 25.85 -12.62
C ILE C 216 -2.92 26.73 -13.83
N TYR C 217 -3.45 27.95 -13.78
CA TYR C 217 -3.28 28.88 -14.90
C TYR C 217 -1.79 29.10 -15.19
N LEU C 218 -1.01 29.42 -14.15
CA LEU C 218 0.42 29.66 -14.32
C LEU C 218 1.15 28.45 -14.86
N ALA C 219 0.89 27.27 -14.30
CA ALA C 219 1.55 26.07 -14.79
C ALA C 219 1.30 25.86 -16.27
N GLU C 220 0.07 26.13 -16.72
CA GLU C 220 -0.24 25.89 -18.12
C GLU C 220 0.43 26.92 -19.02
N THR C 221 0.75 28.11 -18.50
CA THR C 221 1.47 29.11 -19.30
C THR C 221 2.90 28.68 -19.64
N VAL C 222 3.46 27.71 -18.93
CA VAL C 222 4.82 27.28 -19.22
C VAL C 222 4.85 25.80 -19.62
N LYS C 223 3.73 25.27 -20.11
CA LYS C 223 3.69 23.91 -20.66
C LYS C 223 4.50 23.87 -21.97
N ARG C 224 5.42 22.91 -22.07
CA ARG C 224 6.33 22.86 -23.21
C ARG C 224 5.58 22.80 -24.54
N GLU C 225 4.55 21.94 -24.61
CA GLU C 225 3.81 21.69 -25.85
C GLU C 225 3.24 22.96 -26.50
N ARG C 226 2.84 23.96 -25.72
CA ARG C 226 2.26 25.15 -26.32
C ARG C 226 3.23 26.32 -26.42
N CYS C 227 4.47 26.17 -25.91
CA CYS C 227 5.47 27.23 -25.94
C CYS C 227 6.35 27.04 -27.18
N PHE C 228 5.84 27.49 -28.33
CA PHE C 228 6.57 27.24 -29.57
C PHE C 228 7.85 28.06 -29.68
N PHE C 229 8.02 29.10 -28.87
CA PHE C 229 9.27 29.87 -28.88
C PHE C 229 10.46 29.04 -28.40
N LEU C 230 10.21 27.90 -27.75
CA LEU C 230 11.29 27.19 -27.08
C LEU C 230 12.39 26.75 -28.05
N GLU C 231 12.00 26.19 -29.19
CA GLU C 231 13.02 25.65 -30.10
C GLU C 231 13.95 26.73 -30.65
N PRO C 232 13.48 27.83 -31.23
CA PRO C 232 14.44 28.87 -31.63
C PRO C 232 15.15 29.51 -30.45
N PHE C 233 14.52 29.58 -29.28
CA PHE C 233 15.22 30.13 -28.12
C PHE C 233 16.35 29.22 -27.66
N ILE C 234 16.08 27.92 -27.55
CA ILE C 234 17.10 26.99 -27.11
C ILE C 234 18.20 26.85 -28.15
N ASN C 235 17.82 26.74 -29.44
CA ASN C 235 18.84 26.77 -30.49
C ASN C 235 19.74 28.00 -30.35
N GLY C 236 19.14 29.14 -29.99
CA GLY C 236 19.93 30.34 -29.80
C GLY C 236 20.90 30.22 -28.64
N LEU C 237 20.47 29.59 -27.55
CA LEU C 237 21.36 29.31 -26.42
C LEU C 237 22.55 28.45 -26.85
N ILE C 238 22.27 27.36 -27.56
CA ILE C 238 23.32 26.45 -27.97
C ILE C 238 24.34 27.18 -28.85
N ALA C 239 23.85 28.07 -29.70
CA ALA C 239 24.69 28.79 -30.65
C ALA C 239 25.22 30.13 -30.14
N GLU C 240 24.82 30.55 -28.94
CA GLU C 240 25.15 31.89 -28.47
C GLU C 240 26.65 32.13 -28.40
N LYS C 241 27.09 33.27 -28.92
CA LYS C 241 28.48 33.68 -28.82
C LYS C 241 28.79 34.24 -27.44
N ILE C 242 30.07 34.14 -27.05
CA ILE C 242 30.64 34.72 -25.82
C ILE C 242 29.91 35.96 -25.30
N ASN D 36 -3.46 10.47 1.38
CA ASN D 36 -3.54 9.36 0.44
C ASN D 36 -4.88 9.35 -0.29
N GLN D 37 -5.43 10.53 -0.54
CA GLN D 37 -6.61 10.65 -1.39
C GLN D 37 -6.25 10.77 -2.86
N ARG D 38 -4.96 10.72 -3.20
CA ARG D 38 -4.53 10.89 -4.58
C ARG D 38 -3.19 10.22 -4.77
N ARG D 39 -2.91 9.87 -6.02
CA ARG D 39 -1.62 9.25 -6.37
C ARG D 39 -0.50 10.25 -6.14
N GLY D 40 0.57 9.80 -5.48
CA GLY D 40 1.80 10.55 -5.47
C GLY D 40 2.40 10.62 -6.86
N PHE D 41 3.32 11.57 -7.05
CA PHE D 41 4.01 11.67 -8.32
C PHE D 41 5.49 11.96 -8.11
N LEU D 42 6.26 11.69 -9.16
CA LEU D 42 7.69 11.93 -9.17
C LEU D 42 7.95 13.28 -9.83
N PHE D 43 8.49 14.22 -9.07
CA PHE D 43 8.73 15.60 -9.51
C PHE D 43 10.19 15.72 -9.97
N ILE D 44 10.39 15.82 -11.28
CA ILE D 44 11.73 15.73 -11.90
C ILE D 44 12.16 17.13 -12.35
N LEU D 45 13.17 17.67 -11.68
CA LEU D 45 13.85 18.89 -12.11
C LEU D 45 15.18 18.56 -12.77
N SER D 46 15.38 19.06 -13.99
CA SER D 46 16.67 18.98 -14.65
C SER D 46 17.06 20.37 -15.12
N SER D 47 18.36 20.58 -15.26
CA SER D 47 18.87 21.76 -15.95
C SER D 47 20.36 21.66 -16.18
N PRO D 48 20.91 22.33 -17.18
CA PRO D 48 22.36 22.41 -17.30
C PRO D 48 22.99 22.93 -16.01
N SER D 49 24.11 22.35 -15.64
CA SER D 49 24.85 22.83 -14.49
C SER D 49 25.17 24.31 -14.64
N GLY D 50 24.70 25.12 -13.70
CA GLY D 50 24.92 26.55 -13.74
C GLY D 50 23.71 27.39 -14.13
N ALA D 51 22.53 26.81 -14.21
CA ALA D 51 21.32 27.56 -14.50
C ALA D 51 20.47 27.80 -13.26
N GLY D 52 20.95 27.39 -12.07
CA GLY D 52 20.28 27.68 -10.83
C GLY D 52 19.34 26.62 -10.30
N LYS D 53 19.47 25.36 -10.73
CA LYS D 53 18.55 24.33 -10.27
C LYS D 53 18.78 23.95 -8.82
N SER D 54 20.04 23.98 -8.36
CA SER D 54 20.31 23.51 -7.00
C SER D 54 19.72 24.45 -5.97
N THR D 55 19.86 25.76 -6.19
CA THR D 55 19.13 26.71 -5.35
C THR D 55 17.63 26.43 -5.38
N LEU D 56 17.08 26.20 -6.58
CA LEU D 56 15.65 25.96 -6.71
C LEU D 56 15.23 24.67 -6.01
N SER D 57 16.06 23.63 -6.07
CA SER D 57 15.72 22.39 -5.37
C SER D 57 15.66 22.62 -3.86
N ARG D 58 16.67 23.30 -3.32
CA ARG D 58 16.71 23.55 -1.89
C ARG D 58 15.46 24.28 -1.42
N LEU D 59 15.08 25.35 -2.12
CA LEU D 59 13.92 26.12 -1.69
C LEU D 59 12.62 25.33 -1.83
N LEU D 60 12.52 24.45 -2.84
CA LEU D 60 11.34 23.61 -2.97
C LEU D 60 11.22 22.54 -1.89
N LEU D 61 12.33 22.19 -1.23
CA LEU D 61 12.26 21.17 -0.20
C LEU D 61 11.86 21.74 1.15
N LYS D 62 11.79 23.07 1.30
CA LYS D 62 11.69 23.67 2.62
C LYS D 62 10.39 23.28 3.32
N ASP D 63 9.28 23.19 2.59
CA ASP D 63 7.99 22.95 3.24
C ASP D 63 7.69 21.48 3.46
N GLY D 64 8.60 20.58 3.11
CA GLY D 64 8.46 19.19 3.47
C GLY D 64 7.49 18.38 2.62
N LYS D 65 6.73 19.01 1.72
CA LYS D 65 5.82 18.22 0.90
C LYS D 65 6.57 17.27 -0.03
N LEU D 66 7.80 17.61 -0.42
CA LEU D 66 8.59 16.80 -1.33
C LEU D 66 9.70 16.11 -0.57
N GLU D 67 10.00 14.87 -0.96
CA GLU D 67 11.13 14.13 -0.43
C GLU D 67 12.15 13.95 -1.54
N LEU D 68 13.42 14.28 -1.25
CA LEU D 68 14.47 14.20 -2.26
C LEU D 68 14.93 12.76 -2.42
N SER D 69 15.03 12.31 -3.66
CA SER D 69 15.52 10.98 -3.96
C SER D 69 17.04 10.99 -3.93
N ILE D 70 17.63 10.07 -3.16
CA ILE D 70 19.07 9.93 -3.06
C ILE D 70 19.49 8.81 -4.00
N SER D 71 20.21 9.16 -5.07
CA SER D 71 20.61 8.14 -6.03
C SER D 71 21.79 7.32 -5.50
N MET D 72 21.89 6.09 -5.98
CA MET D 72 23.09 5.28 -5.81
C MET D 72 24.10 5.66 -6.88
N THR D 73 25.39 5.59 -6.54
CA THR D 73 26.41 5.91 -7.52
C THR D 73 27.65 5.05 -7.32
N THR D 74 28.37 4.84 -8.42
CA THR D 74 29.64 4.17 -8.39
C THR D 74 30.80 5.14 -8.42
N ARG D 75 30.53 6.43 -8.60
CA ARG D 75 31.56 7.45 -8.54
C ARG D 75 32.29 7.37 -7.19
N GLN D 76 33.61 7.51 -7.24
CA GLN D 76 34.40 7.42 -6.03
C GLN D 76 33.99 8.53 -5.08
N LYS D 77 33.78 8.17 -3.83
CA LYS D 77 33.42 9.17 -2.83
C LYS D 77 34.64 10.01 -2.49
N ARG D 78 34.48 11.33 -2.54
CA ARG D 78 35.54 12.20 -2.09
C ARG D 78 35.65 12.11 -0.56
N PRO D 79 36.87 12.20 -0.01
CA PRO D 79 37.01 12.06 1.45
C PRO D 79 36.23 13.08 2.23
N SER D 80 35.88 14.21 1.60
CA SER D 80 35.07 15.23 2.24
C SER D 80 33.58 14.92 2.16
N GLU D 81 33.17 14.05 1.25
CA GLU D 81 31.76 13.78 1.04
C GLU D 81 31.19 12.91 2.14
N VAL D 82 29.90 13.11 2.43
CA VAL D 82 29.18 12.38 3.45
C VAL D 82 28.27 11.37 2.78
N ASP D 83 28.53 10.09 3.03
CA ASP D 83 27.69 9.05 2.43
C ASP D 83 26.25 9.22 2.86
N GLY D 84 25.33 9.09 1.90
CA GLY D 84 23.92 9.23 2.18
C GLY D 84 23.40 10.65 2.13
N LEU D 85 24.29 11.65 2.11
CA LEU D 85 23.83 13.04 2.07
C LEU D 85 23.17 13.36 0.74
N HIS D 86 23.93 13.28 -0.35
CA HIS D 86 23.39 13.46 -1.69
C HIS D 86 23.36 12.18 -2.51
N TYR D 87 24.27 11.25 -2.23
CA TYR D 87 24.35 9.98 -2.92
C TYR D 87 24.61 8.89 -1.90
N HIS D 88 24.28 7.66 -2.30
CA HIS D 88 24.75 6.46 -1.61
C HIS D 88 25.87 5.88 -2.44
N PHE D 89 27.08 5.92 -1.90
CA PHE D 89 28.27 5.51 -2.62
C PHE D 89 28.47 4.01 -2.47
N ILE D 90 28.49 3.30 -3.61
CA ILE D 90 28.68 1.86 -3.64
C ILE D 90 29.64 1.51 -4.78
N SER D 91 30.17 0.30 -4.72
CA SER D 91 31.14 -0.14 -5.72
C SER D 91 30.43 -0.59 -7.00
N LYS D 92 31.22 -0.66 -8.08
CA LYS D 92 30.68 -1.05 -9.37
C LYS D 92 30.11 -2.46 -9.33
N LYS D 93 30.72 -3.35 -8.53
CA LYS D 93 30.23 -4.72 -8.47
C LYS D 93 28.90 -4.79 -7.73
N GLU D 94 28.75 -4.02 -6.66
CA GLU D 94 27.46 -3.96 -5.98
C GLU D 94 26.39 -3.33 -6.86
N PHE D 95 26.74 -2.26 -7.59
CA PHE D 95 25.79 -1.64 -8.52
C PHE D 95 25.30 -2.64 -9.56
N LYS D 96 26.22 -3.46 -10.12
CA LYS D 96 25.79 -4.45 -11.10
C LYS D 96 24.91 -5.52 -10.48
N ARG D 97 25.15 -5.88 -9.21
CA ARG D 97 24.29 -6.85 -8.55
C ARG D 97 22.90 -6.29 -8.34
N LYS D 98 22.79 -5.03 -7.93
CA LYS D 98 21.47 -4.40 -7.81
C LYS D 98 20.81 -4.31 -9.18
N ARG D 99 21.56 -3.87 -10.19
CA ARG D 99 21.04 -3.81 -11.55
C ARG D 99 20.50 -5.17 -11.99
N ASP D 100 21.31 -6.22 -11.88
CA ASP D 100 20.87 -7.54 -12.28
C ASP D 100 19.74 -8.08 -11.41
N GLY D 101 19.56 -7.55 -10.21
CA GLY D 101 18.45 -7.95 -9.37
C GLY D 101 17.20 -7.10 -9.53
N ASN D 102 17.17 -6.22 -10.55
CA ASN D 102 16.02 -5.34 -10.80
C ASN D 102 15.74 -4.42 -9.62
N GLU D 103 16.76 -4.02 -8.88
CA GLU D 103 16.50 -3.10 -7.77
C GLU D 103 16.34 -1.66 -8.22
N PHE D 104 16.69 -1.32 -9.46
CA PHE D 104 16.69 0.06 -9.92
C PHE D 104 15.44 0.31 -10.75
N ILE D 105 14.64 1.30 -10.35
CA ILE D 105 13.56 1.70 -11.25
C ILE D 105 14.15 2.48 -12.43
N GLU D 106 15.36 2.98 -12.27
CA GLU D 106 15.99 3.92 -13.18
C GLU D 106 17.49 3.85 -12.95
N TRP D 107 18.28 3.75 -14.02
CA TRP D 107 19.72 3.86 -13.89
C TRP D 107 20.31 4.31 -15.22
N ALA D 108 21.45 5.00 -15.14
CA ALA D 108 22.11 5.50 -16.35
C ALA D 108 23.57 5.80 -16.05
N GLU D 109 24.37 5.79 -17.10
CA GLU D 109 25.73 6.32 -17.05
C GLU D 109 25.69 7.80 -17.40
N VAL D 110 26.05 8.64 -16.45
CA VAL D 110 26.12 10.09 -16.64
C VAL D 110 27.56 10.52 -16.45
N HIS D 111 28.14 11.13 -17.49
CA HIS D 111 29.48 11.73 -17.44
C HIS D 111 30.51 10.77 -16.87
N GLY D 112 30.41 9.49 -17.23
CA GLY D 112 31.43 8.51 -16.91
C GLY D 112 31.23 7.72 -15.63
N ASN D 113 30.14 7.94 -14.89
CA ASN D 113 29.84 7.14 -13.71
C ASN D 113 28.37 6.71 -13.70
N TYR D 114 28.10 5.63 -12.98
CA TYR D 114 26.77 5.06 -12.95
C TYR D 114 25.94 5.64 -11.80
N TYR D 115 24.66 5.90 -12.08
CA TYR D 115 23.70 6.43 -11.13
C TYR D 115 22.39 5.67 -11.26
N GLY D 116 21.70 5.46 -10.14
CA GLY D 116 20.47 4.70 -10.16
C GLY D 116 19.57 5.04 -8.98
N THR D 117 18.27 4.87 -9.19
CA THR D 117 17.24 5.06 -8.18
C THR D 117 16.67 3.71 -7.80
N LEU D 118 16.66 3.39 -6.50
CA LEU D 118 16.09 2.12 -6.05
C LEU D 118 14.57 2.16 -6.16
N ARG D 119 13.99 1.12 -6.75
CA ARG D 119 12.53 1.08 -6.86
C ARG D 119 11.90 1.03 -5.48
N GLU D 120 12.55 0.34 -4.53
CA GLU D 120 12.00 0.22 -3.17
C GLU D 120 11.81 1.59 -2.52
N SER D 121 12.81 2.47 -2.63
CA SER D 121 12.68 3.82 -2.11
C SER D 121 11.49 4.56 -2.72
N VAL D 122 11.35 4.50 -4.04
CA VAL D 122 10.25 5.18 -4.71
C VAL D 122 8.91 4.64 -4.25
N GLU D 123 8.80 3.30 -4.16
CA GLU D 123 7.53 2.70 -3.76
C GLU D 123 7.18 3.06 -2.32
N ASN D 124 8.19 3.15 -1.44
CA ASN D 124 7.92 3.48 -0.04
C ASN D 124 7.32 4.88 0.09
N VAL D 125 7.88 5.85 -0.62
CA VAL D 125 7.27 7.18 -0.62
C VAL D 125 5.90 7.15 -1.27
N LEU D 126 5.82 6.65 -2.51
CA LEU D 126 4.58 6.73 -3.28
C LEU D 126 3.44 5.98 -2.61
N SER D 127 3.74 4.92 -1.85
CA SER D 127 2.68 4.15 -1.20
C SER D 127 1.91 5.01 -0.20
N THR D 128 2.57 5.99 0.41
CA THR D 128 1.95 6.89 1.38
C THR D 128 1.26 8.08 0.72
N GLY D 129 1.19 8.13 -0.60
CA GLY D 129 0.63 9.27 -1.31
C GLY D 129 1.52 10.48 -1.41
N ARG D 130 2.71 10.44 -0.82
CA ARG D 130 3.61 11.58 -0.85
C ARG D 130 4.36 11.64 -2.18
N ASP D 131 5.01 12.77 -2.42
CA ASP D 131 5.69 13.07 -3.68
C ASP D 131 7.20 13.08 -3.47
N MET D 132 7.94 12.77 -4.54
CA MET D 132 9.40 12.72 -4.51
C MET D 132 9.97 13.69 -5.50
N LEU D 133 11.01 14.41 -5.07
CA LEU D 133 11.78 15.29 -5.95
C LEU D 133 12.99 14.54 -6.49
N PHE D 134 13.23 14.67 -7.81
CA PHE D 134 14.34 14.01 -8.46
C PHE D 134 15.30 15.01 -9.08
N ASP D 135 16.59 14.76 -8.88
CA ASP D 135 17.68 15.46 -9.52
C ASP D 135 18.38 14.44 -10.43
N ILE D 136 17.88 14.30 -11.66
CA ILE D 136 18.40 13.33 -12.61
C ILE D 136 18.44 13.98 -13.99
N ASP D 137 19.05 13.27 -14.94
CA ASP D 137 19.21 13.77 -16.29
C ASP D 137 18.07 13.28 -17.18
N TYR D 138 18.18 13.54 -18.49
CA TYR D 138 17.13 13.12 -19.40
C TYR D 138 17.06 11.60 -19.53
N GLN D 139 18.20 10.91 -19.41
CA GLN D 139 18.20 9.46 -19.52
C GLN D 139 17.33 8.82 -18.45
N GLY D 140 17.49 9.28 -17.20
CA GLY D 140 16.67 8.74 -16.13
C GLY D 140 15.23 9.16 -16.24
N THR D 141 15.00 10.41 -16.65
CA THR D 141 13.66 10.95 -16.85
C THR D 141 12.85 10.08 -17.81
N LYS D 142 13.44 9.76 -18.96
CA LYS D 142 12.73 8.94 -19.94
C LYS D 142 12.38 7.57 -19.40
N GLN D 143 13.26 6.98 -18.58
CA GLN D 143 12.93 5.68 -18.00
C GLN D 143 11.75 5.77 -17.03
N LEU D 144 11.71 6.80 -16.19
CA LEU D 144 10.57 6.98 -15.30
C LEU D 144 9.29 7.23 -16.10
N GLN D 145 9.39 8.00 -17.19
CA GLN D 145 8.21 8.32 -17.97
C GLN D 145 7.64 7.07 -18.66
N LYS D 146 8.51 6.16 -19.11
CA LYS D 146 8.01 4.94 -19.75
C LYS D 146 7.44 3.95 -18.73
N LYS D 147 8.01 3.88 -17.53
CA LYS D 147 7.60 2.86 -16.57
C LYS D 147 6.35 3.27 -15.80
N MET D 148 6.19 4.55 -15.53
CA MET D 148 5.07 5.04 -14.72
C MET D 148 4.34 6.18 -15.43
N PRO D 149 3.73 5.91 -16.58
CA PRO D 149 3.03 6.98 -17.32
C PRO D 149 1.97 7.63 -16.44
N GLY D 150 1.93 8.96 -16.49
CA GLY D 150 1.04 9.73 -15.67
C GLY D 150 1.48 9.95 -14.23
N ASP D 151 2.58 9.34 -13.79
CA ASP D 151 3.04 9.51 -12.42
C ASP D 151 4.31 10.35 -12.34
N THR D 152 4.76 10.92 -13.45
CA THR D 152 5.91 11.80 -13.47
C THR D 152 5.50 13.21 -13.87
N VAL D 153 6.19 14.19 -13.32
CA VAL D 153 6.05 15.59 -13.68
C VAL D 153 7.46 16.13 -13.88
N SER D 154 7.80 16.46 -15.13
CA SER D 154 9.16 16.85 -15.48
C SER D 154 9.22 18.34 -15.85
N VAL D 155 10.22 19.02 -15.31
CA VAL D 155 10.41 20.45 -15.46
C VAL D 155 11.88 20.70 -15.83
N PHE D 156 12.10 21.38 -16.94
CA PHE D 156 13.42 21.77 -17.39
C PHE D 156 13.61 23.27 -17.15
N ILE D 157 14.75 23.64 -16.57
CA ILE D 157 15.07 25.03 -16.24
C ILE D 157 16.18 25.50 -17.16
N LEU D 158 15.92 26.60 -17.89
CA LEU D 158 16.87 27.21 -18.80
C LEU D 158 17.40 28.52 -18.22
N PRO D 159 18.67 28.85 -18.48
CA PRO D 159 19.16 30.19 -18.19
C PRO D 159 18.57 31.19 -19.17
N PRO D 160 18.52 32.47 -18.82
CA PRO D 160 18.03 33.48 -19.78
C PRO D 160 18.99 33.71 -20.95
N SER D 161 20.28 33.40 -20.78
CA SER D 161 21.28 33.48 -21.83
C SER D 161 22.48 32.68 -21.38
N MET D 162 23.33 32.30 -22.35
CA MET D 162 24.59 31.69 -22.00
C MET D 162 25.49 32.67 -21.29
N LYS D 163 25.38 33.96 -21.61
CA LYS D 163 26.11 34.96 -20.85
C LYS D 163 25.73 34.92 -19.38
N GLU D 164 24.43 34.82 -19.09
CA GLU D 164 24.00 34.77 -17.70
C GLU D 164 24.48 33.50 -17.01
N LEU D 165 24.45 32.37 -17.72
CA LEU D 165 24.97 31.13 -17.14
C LEU D 165 26.47 31.24 -16.87
N ILE D 166 27.21 31.91 -17.73
CA ILE D 166 28.65 32.04 -17.53
C ILE D 166 28.94 32.94 -16.33
N SER D 167 28.16 34.00 -16.15
CA SER D 167 28.34 34.84 -14.96
C SER D 167 28.16 34.04 -13.67
N ARG D 168 27.17 33.16 -13.64
CA ARG D 168 26.95 32.33 -12.47
C ARG D 168 28.14 31.41 -12.21
N LEU D 169 28.68 30.82 -13.28
CA LEU D 169 29.87 30.00 -13.14
C LEU D 169 31.09 30.83 -12.71
N TYR D 170 31.24 32.03 -13.25
CA TYR D 170 32.27 32.94 -12.75
C TYR D 170 32.07 33.18 -11.26
N ARG D 171 30.86 33.55 -10.85
CA ARG D 171 30.60 33.82 -9.44
C ARG D 171 30.79 32.58 -8.60
N ARG D 172 30.69 31.39 -9.20
CA ARG D 172 30.72 30.15 -8.43
C ARG D 172 32.12 29.82 -7.95
N ALA D 173 33.11 29.84 -8.85
CA ALA D 173 34.39 29.26 -8.49
C ALA D 173 35.57 29.83 -9.27
N GLU D 174 36.22 28.98 -10.05
CA GLU D 174 37.43 29.31 -10.80
C GLU D 174 37.14 29.23 -12.29
N ASP D 175 37.69 30.19 -13.05
CA ASP D 175 37.11 30.56 -14.35
C ASP D 175 38.13 30.44 -15.48
N SER D 176 38.27 29.24 -16.03
CA SER D 176 39.23 28.98 -17.10
C SER D 176 38.51 28.60 -18.39
N GLN D 177 39.23 28.78 -19.50
CA GLN D 177 38.67 28.48 -20.82
C GLN D 177 38.13 27.05 -20.85
N ASP D 178 38.95 26.09 -20.46
CA ASP D 178 38.54 24.69 -20.45
C ASP D 178 37.37 24.46 -19.51
N ILE D 179 37.41 25.06 -18.32
CA ILE D 179 36.25 24.94 -17.42
C ILE D 179 35.01 25.46 -18.11
N ILE D 180 35.09 26.68 -18.66
CA ILE D 180 33.94 27.27 -19.33
C ILE D 180 33.52 26.40 -20.52
N ASN D 181 34.46 26.09 -21.41
CA ASN D 181 34.12 25.31 -22.60
C ASN D 181 33.43 24.00 -22.25
N LEU D 182 33.97 23.30 -21.26
CA LEU D 182 33.34 22.06 -20.82
C LEU D 182 31.97 22.32 -20.22
N ARG D 183 31.85 23.36 -19.40
CA ARG D 183 30.54 23.73 -18.85
C ARG D 183 29.56 24.07 -19.97
N LEU D 184 29.99 24.88 -20.94
CA LEU D 184 29.11 25.19 -22.07
C LEU D 184 28.78 23.95 -22.88
N LYS D 185 29.76 23.07 -23.10
CA LYS D 185 29.51 21.88 -23.91
C LYS D 185 28.49 20.97 -23.24
N ASN D 186 28.61 20.78 -21.92
CA ASN D 186 27.59 20.01 -21.21
C ASN D 186 26.24 20.69 -21.24
N ALA D 187 26.22 22.01 -21.06
CA ALA D 187 24.93 22.71 -21.12
C ALA D 187 24.25 22.46 -22.45
N ARG D 188 25.00 22.54 -23.55
CA ARG D 188 24.42 22.36 -24.86
C ARG D 188 23.90 20.94 -25.04
N THR D 189 24.68 19.94 -24.62
CA THR D 189 24.23 18.57 -24.76
C THR D 189 22.95 18.32 -23.97
N GLU D 190 22.88 18.84 -22.75
CA GLU D 190 21.67 18.65 -21.95
C GLU D 190 20.47 19.34 -22.59
N MET D 191 20.65 20.59 -23.04
CA MET D 191 19.54 21.34 -23.58
C MET D 191 18.95 20.71 -24.82
N GLN D 192 19.71 19.88 -25.54
CA GLN D 192 19.18 19.25 -26.74
C GLN D 192 18.05 18.28 -26.45
N HIS D 193 17.85 17.87 -25.19
CA HIS D 193 16.80 16.92 -24.83
C HIS D 193 15.61 17.59 -24.15
N TRP D 194 15.40 18.88 -24.44
CA TRP D 194 14.32 19.64 -23.80
C TRP D 194 12.94 19.09 -24.16
N ARG D 195 12.79 18.47 -25.34
CA ARG D 195 11.47 18.02 -25.76
C ARG D 195 10.91 16.87 -24.93
N SER D 196 11.70 16.29 -24.02
CA SER D 196 11.22 15.25 -23.12
C SER D 196 10.58 15.79 -21.84
N TYR D 197 10.52 17.11 -21.67
CA TYR D 197 10.07 17.70 -20.40
C TYR D 197 8.68 18.30 -20.56
N ASP D 198 7.83 18.06 -19.54
CA ASP D 198 6.47 18.61 -19.55
C ASP D 198 6.48 20.13 -19.51
N TYR D 199 7.33 20.72 -18.68
CA TYR D 199 7.38 22.17 -18.55
C TYR D 199 8.82 22.65 -18.75
N VAL D 200 8.95 23.82 -19.36
CA VAL D 200 10.24 24.48 -19.50
C VAL D 200 10.10 25.89 -18.93
N ILE D 201 10.98 26.23 -17.99
CA ILE D 201 11.00 27.53 -17.35
C ILE D 201 12.32 28.22 -17.67
N ILE D 202 12.26 29.50 -17.94
CA ILE D 202 13.45 30.33 -18.06
C ILE D 202 13.67 31.02 -16.73
N ASN D 203 14.80 30.72 -16.09
CA ASN D 203 15.11 31.26 -14.77
C ASN D 203 15.66 32.68 -14.89
N GLU D 204 14.75 33.60 -15.21
CA GLU D 204 15.10 35.02 -15.26
C GLU D 204 15.23 35.60 -13.86
N ASN D 205 14.29 35.27 -12.98
CA ASN D 205 14.22 35.83 -11.64
C ASN D 205 13.99 34.67 -10.67
N LEU D 206 14.86 34.55 -9.67
CA LEU D 206 14.76 33.45 -8.73
C LEU D 206 13.39 33.40 -8.06
N ASN D 207 12.85 34.56 -7.68
CA ASN D 207 11.55 34.58 -7.03
C ASN D 207 10.44 34.14 -7.97
N GLN D 208 10.43 34.66 -9.21
CA GLN D 208 9.45 34.20 -10.17
C GLN D 208 9.57 32.69 -10.41
N SER D 209 10.81 32.18 -10.45
CA SER D 209 11.03 30.76 -10.76
C SER D 209 10.46 29.86 -9.67
N VAL D 210 10.80 30.13 -8.40
CA VAL D 210 10.20 29.41 -7.29
C VAL D 210 8.68 29.45 -7.40
N SER D 211 8.12 30.64 -7.61
CA SER D 211 6.67 30.78 -7.73
C SER D 211 6.12 29.91 -8.86
N LEU D 212 6.78 29.89 -10.02
CA LEU D 212 6.29 29.07 -11.12
C LEU D 212 6.38 27.59 -10.81
N ILE D 213 7.50 27.17 -10.21
CA ILE D 213 7.70 25.76 -9.91
C ILE D 213 6.74 25.30 -8.83
N LYS D 214 6.53 26.13 -7.80
CA LYS D 214 5.51 25.83 -6.81
C LYS D 214 4.11 25.72 -7.45
N SER D 215 3.83 26.56 -8.45
CA SER D 215 2.51 26.52 -9.08
C SER D 215 2.34 25.28 -9.94
N ILE D 216 3.41 24.86 -10.63
CA ILE D 216 3.36 23.58 -11.34
C ILE D 216 3.08 22.44 -10.36
N TYR D 217 3.78 22.43 -9.24
CA TYR D 217 3.55 21.40 -8.23
C TYR D 217 2.10 21.41 -7.75
N LEU D 218 1.58 22.58 -7.36
CA LEU D 218 0.22 22.65 -6.81
C LEU D 218 -0.82 22.25 -7.85
N ALA D 219 -0.63 22.67 -9.10
CA ALA D 219 -1.53 22.29 -10.18
C ALA D 219 -1.59 20.78 -10.35
N GLU D 220 -0.44 20.11 -10.24
CA GLU D 220 -0.43 18.67 -10.46
C GLU D 220 -1.03 17.89 -9.29
N THR D 221 -1.08 18.48 -8.09
CA THR D 221 -1.77 17.80 -7.00
C THR D 221 -3.28 17.75 -7.19
N VAL D 222 -3.84 18.54 -8.10
CA VAL D 222 -5.28 18.49 -8.33
C VAL D 222 -5.62 18.00 -9.73
N LYS D 223 -4.67 17.36 -10.42
CA LYS D 223 -4.97 16.77 -11.72
CA LYS D 223 -4.98 16.78 -11.72
C LYS D 223 -6.00 15.65 -11.55
N ARG D 224 -7.08 15.71 -12.32
CA ARG D 224 -8.21 14.79 -12.11
C ARG D 224 -7.77 13.33 -12.18
N GLU D 225 -6.91 12.99 -13.15
CA GLU D 225 -6.61 11.59 -13.36
C GLU D 225 -5.87 10.95 -12.19
N ARG D 226 -5.27 11.73 -11.29
CA ARG D 226 -4.66 11.12 -10.12
C ARG D 226 -5.46 11.32 -8.84
N CYS D 227 -6.65 11.89 -8.94
CA CYS D 227 -7.47 12.11 -7.74
C CYS D 227 -8.53 11.03 -7.65
N PHE D 228 -8.06 9.82 -7.30
CA PHE D 228 -8.93 8.64 -7.26
C PHE D 228 -10.00 8.73 -6.18
N PHE D 229 -9.86 9.67 -5.23
CA PHE D 229 -10.91 9.92 -4.26
C PHE D 229 -12.15 10.55 -4.87
N LEU D 230 -12.05 11.09 -6.10
CA LEU D 230 -13.13 11.90 -6.65
C LEU D 230 -14.42 11.09 -6.81
N GLU D 231 -14.31 9.88 -7.36
CA GLU D 231 -15.53 9.12 -7.68
C GLU D 231 -16.36 8.76 -6.46
N PRO D 232 -15.81 8.27 -5.34
CA PRO D 232 -16.67 8.04 -4.17
C PRO D 232 -17.24 9.32 -3.60
N PHE D 233 -16.45 10.41 -3.59
CA PHE D 233 -16.94 11.68 -3.05
C PHE D 233 -18.08 12.25 -3.89
N ILE D 234 -17.95 12.19 -5.21
CA ILE D 234 -18.96 12.75 -6.09
C ILE D 234 -20.22 11.89 -6.07
N ASN D 235 -20.06 10.56 -6.04
CA ASN D 235 -21.22 9.69 -5.88
C ASN D 235 -21.91 9.95 -4.55
N GLY D 236 -21.14 10.28 -3.51
CA GLY D 236 -21.74 10.65 -2.24
C GLY D 236 -22.53 11.94 -2.32
N LEU D 237 -22.00 12.94 -3.05
CA LEU D 237 -22.76 14.15 -3.27
C LEU D 237 -24.06 13.86 -4.01
N ILE D 238 -24.03 12.92 -4.94
CA ILE D 238 -25.22 12.60 -5.72
C ILE D 238 -26.25 11.87 -4.86
N ALA D 239 -25.80 11.08 -3.89
CA ALA D 239 -26.70 10.33 -3.01
C ALA D 239 -27.02 11.02 -1.70
N GLU D 240 -26.37 12.15 -1.39
CA GLU D 240 -26.48 12.80 -0.08
C GLU D 240 -27.91 13.23 0.30
N GLN E 37 -22.68 -16.21 19.05
CA GLN E 37 -21.25 -16.14 19.37
C GLN E 37 -21.00 -15.20 20.57
N ARG E 38 -21.30 -13.91 20.43
CA ARG E 38 -21.14 -12.98 21.53
C ARG E 38 -22.25 -11.95 21.48
N ARG E 39 -22.49 -11.33 22.62
CA ARG E 39 -23.49 -10.27 22.72
C ARG E 39 -22.93 -8.96 22.17
N GLY E 40 -23.76 -8.26 21.38
CA GLY E 40 -23.40 -6.93 20.90
C GLY E 40 -23.46 -5.89 22.02
N PHE E 41 -22.91 -4.71 21.73
CA PHE E 41 -22.92 -3.64 22.72
C PHE E 41 -23.25 -2.30 22.07
N LEU E 42 -23.65 -1.36 22.92
CA LEU E 42 -23.90 0.00 22.50
C LEU E 42 -22.59 0.79 22.61
N PHE E 43 -22.08 1.23 21.47
CA PHE E 43 -20.85 2.01 21.40
C PHE E 43 -21.24 3.48 21.51
N ILE E 44 -20.98 4.09 22.67
CA ILE E 44 -21.49 5.43 22.96
C ILE E 44 -20.36 6.43 22.78
N LEU E 45 -20.58 7.41 21.92
CA LEU E 45 -19.63 8.49 21.66
C LEU E 45 -20.24 9.82 22.05
N SER E 46 -19.54 10.57 22.90
CA SER E 46 -19.94 11.93 23.26
C SER E 46 -18.77 12.87 23.04
N SER E 47 -19.10 14.11 22.69
CA SER E 47 -18.10 15.15 22.62
C SER E 47 -18.86 16.47 22.60
N PRO E 48 -18.34 17.50 23.25
CA PRO E 48 -18.96 18.81 23.14
C PRO E 48 -18.94 19.26 21.69
N SER E 49 -20.06 19.84 21.24
CA SER E 49 -20.14 20.38 19.89
C SER E 49 -18.98 21.31 19.61
N GLY E 50 -18.19 20.99 18.60
CA GLY E 50 -17.00 21.75 18.28
C GLY E 50 -15.69 21.04 18.57
N ALA E 51 -15.72 19.87 19.20
CA ALA E 51 -14.51 19.11 19.46
C ALA E 51 -14.13 18.19 18.31
N GLY E 52 -14.98 18.06 17.28
CA GLY E 52 -14.66 17.28 16.11
C GLY E 52 -15.11 15.84 16.11
N LYS E 53 -16.18 15.51 16.85
CA LYS E 53 -16.64 14.13 16.89
C LYS E 53 -17.41 13.71 15.63
N SER E 54 -18.06 14.67 14.95
CA SER E 54 -18.88 14.30 13.79
C SER E 54 -18.06 13.64 12.69
N THR E 55 -16.85 14.14 12.44
CA THR E 55 -15.95 13.47 11.51
C THR E 55 -15.65 12.04 11.97
N LEU E 56 -15.39 11.85 13.27
CA LEU E 56 -15.05 10.54 13.78
C LEU E 56 -16.22 9.56 13.65
N SER E 57 -17.44 10.03 13.91
CA SER E 57 -18.59 9.16 13.81
C SER E 57 -18.82 8.71 12.37
N ARG E 58 -18.59 9.60 11.40
CA ARG E 58 -18.79 9.23 10.01
C ARG E 58 -17.81 8.15 9.59
N LEU E 59 -16.58 8.20 10.12
CA LEU E 59 -15.56 7.24 9.72
C LEU E 59 -15.80 5.86 10.32
N LEU E 60 -16.45 5.80 11.48
CA LEU E 60 -16.73 4.51 12.11
C LEU E 60 -17.80 3.72 11.39
N LEU E 61 -18.79 4.42 10.82
CA LEU E 61 -19.86 3.75 10.10
C LEU E 61 -19.42 3.23 8.74
N LYS E 62 -18.23 3.63 8.26
CA LYS E 62 -17.81 3.30 6.91
C LYS E 62 -17.72 1.80 6.70
N ASP E 63 -17.06 1.09 7.61
CA ASP E 63 -16.88 -0.35 7.47
C ASP E 63 -18.14 -1.14 7.81
N GLY E 64 -19.20 -0.47 8.28
CA GLY E 64 -20.49 -1.09 8.47
C GLY E 64 -20.65 -1.98 9.70
N LYS E 65 -19.61 -2.10 10.54
CA LYS E 65 -19.73 -2.97 11.71
C LYS E 65 -20.74 -2.44 12.72
N LEU E 66 -21.05 -1.16 12.68
CA LEU E 66 -21.91 -0.52 13.69
C LEU E 66 -23.23 -0.10 13.04
N GLU E 67 -24.33 -0.53 13.64
CA GLU E 67 -25.66 -0.09 13.24
C GLU E 67 -26.00 1.22 13.92
N LEU E 68 -26.84 2.01 13.28
CA LEU E 68 -27.32 3.25 13.88
C LEU E 68 -28.76 3.05 14.38
N SER E 69 -29.08 3.71 15.49
CA SER E 69 -30.38 3.57 16.12
C SER E 69 -31.41 4.49 15.47
N ILE E 70 -32.61 3.96 15.25
CA ILE E 70 -33.73 4.70 14.68
C ILE E 70 -34.63 5.15 15.83
N SER E 71 -34.62 6.45 16.13
CA SER E 71 -35.31 6.99 17.31
C SER E 71 -36.78 7.27 17.01
N MET E 72 -37.60 7.13 18.05
CA MET E 72 -38.98 7.59 18.00
C MET E 72 -39.05 9.08 18.28
N THR E 73 -40.08 9.74 17.73
CA THR E 73 -40.22 11.18 17.90
C THR E 73 -41.69 11.54 18.04
N THR E 74 -41.93 12.71 18.65
CA THR E 74 -43.26 13.31 18.71
C THR E 74 -43.34 14.60 17.91
N ARG E 75 -42.35 14.87 17.07
CA ARG E 75 -42.39 16.06 16.22
C ARG E 75 -43.20 15.78 14.96
N GLN E 76 -43.80 16.84 14.43
CA GLN E 76 -44.58 16.72 13.20
C GLN E 76 -43.66 16.71 11.98
N ASP E 83 -41.65 7.22 7.41
CA ASP E 83 -41.63 6.57 8.71
C ASP E 83 -40.81 5.28 8.69
N GLY E 84 -40.17 4.96 9.81
CA GLY E 84 -39.31 3.80 9.90
C GLY E 84 -37.98 3.92 9.21
N LEU E 85 -37.64 5.11 8.71
CA LEU E 85 -36.37 5.32 8.01
C LEU E 85 -35.31 5.85 8.97
N HIS E 86 -35.34 7.17 9.23
CA HIS E 86 -34.52 7.76 10.28
C HIS E 86 -35.27 7.94 11.59
N TYR E 87 -36.60 8.01 11.53
CA TYR E 87 -37.42 8.23 12.72
C TYR E 87 -38.74 7.49 12.57
N HIS E 88 -39.22 6.91 13.66
CA HIS E 88 -40.62 6.53 13.77
C HIS E 88 -41.36 7.66 14.46
N PHE E 89 -42.42 8.15 13.85
CA PHE E 89 -43.14 9.33 14.33
C PHE E 89 -44.46 8.89 14.96
N ILE E 90 -44.65 9.21 16.24
CA ILE E 90 -45.83 8.83 17.01
C ILE E 90 -46.30 10.04 17.81
N SER E 91 -47.38 9.84 18.56
CA SER E 91 -48.03 10.91 19.32
C SER E 91 -47.36 11.09 20.67
N LYS E 92 -47.69 12.21 21.33
CA LYS E 92 -47.16 12.47 22.66
C LYS E 92 -47.74 11.50 23.69
N LYS E 93 -48.99 11.04 23.47
CA LYS E 93 -49.64 10.16 24.44
C LYS E 93 -49.06 8.74 24.40
N GLU E 94 -48.79 8.22 23.19
CA GLU E 94 -48.14 6.92 23.10
C GLU E 94 -46.71 6.97 23.62
N PHE E 95 -46.04 8.12 23.48
CA PHE E 95 -44.70 8.26 24.03
C PHE E 95 -44.71 8.20 25.55
N LYS E 96 -45.74 8.79 26.18
CA LYS E 96 -45.81 8.76 27.63
C LYS E 96 -46.11 7.36 28.14
N ARG E 97 -46.94 6.59 27.42
CA ARG E 97 -47.24 5.23 27.82
C ARG E 97 -46.03 4.32 27.68
N LYS E 98 -45.28 4.47 26.57
CA LYS E 98 -44.02 3.74 26.43
C LYS E 98 -43.05 4.14 27.54
N ARG E 99 -42.98 5.44 27.86
CA ARG E 99 -42.13 5.91 28.95
C ARG E 99 -42.62 5.38 30.29
N ASP E 100 -43.94 5.47 30.55
CA ASP E 100 -44.49 4.95 31.78
C ASP E 100 -44.42 3.42 31.85
N GLY E 101 -44.23 2.75 30.72
CA GLY E 101 -44.02 1.32 30.67
C GLY E 101 -42.56 0.90 30.72
N ASN E 102 -41.64 1.84 30.96
CA ASN E 102 -40.20 1.57 30.98
C ASN E 102 -39.74 0.91 29.69
N GLU E 103 -40.25 1.40 28.57
CA GLU E 103 -39.87 0.89 27.25
C GLU E 103 -38.68 1.63 26.65
N PHE E 104 -38.25 2.74 27.25
CA PHE E 104 -37.21 3.58 26.67
C PHE E 104 -35.87 3.35 27.35
N ILE E 105 -34.84 3.10 26.54
CA ILE E 105 -33.48 3.02 27.06
C ILE E 105 -32.95 4.43 27.34
N GLU E 106 -33.40 5.42 26.60
CA GLU E 106 -33.03 6.82 26.84
C GLU E 106 -34.10 7.69 26.20
N TRP E 107 -34.33 8.87 26.79
CA TRP E 107 -35.26 9.83 26.22
C TRP E 107 -34.90 11.23 26.71
N ALA E 108 -35.32 12.23 25.95
CA ALA E 108 -35.14 13.62 26.32
C ALA E 108 -36.09 14.49 25.51
N GLU E 109 -36.37 15.68 26.05
CA GLU E 109 -37.17 16.69 25.36
C GLU E 109 -36.22 17.67 24.68
N VAL E 110 -36.27 17.71 23.34
CA VAL E 110 -35.35 18.52 22.55
C VAL E 110 -36.17 19.41 21.63
N HIS E 111 -35.98 20.73 21.76
CA HIS E 111 -36.63 21.71 20.90
C HIS E 111 -38.15 21.60 20.90
N GLY E 112 -38.71 21.23 22.05
CA GLY E 112 -40.15 21.15 22.20
C GLY E 112 -40.78 19.80 21.85
N ASN E 113 -39.99 18.83 21.39
CA ASN E 113 -40.49 17.51 21.04
C ASN E 113 -39.75 16.45 21.84
N TYR E 114 -40.35 15.26 21.89
CA TYR E 114 -39.79 14.13 22.62
C TYR E 114 -39.07 13.19 21.66
N TYR E 115 -37.92 12.68 22.09
CA TYR E 115 -37.15 11.69 21.34
C TYR E 115 -36.69 10.60 22.30
N GLY E 116 -36.75 9.35 21.86
CA GLY E 116 -36.38 8.25 22.74
C GLY E 116 -36.04 7.00 21.97
N THR E 117 -35.13 6.21 22.52
CA THR E 117 -34.75 4.92 21.97
C THR E 117 -35.49 3.81 22.71
N LEU E 118 -36.21 2.98 21.97
CA LEU E 118 -36.96 1.89 22.56
C LEU E 118 -36.01 0.75 22.96
N ARG E 119 -36.35 0.07 24.05
CA ARG E 119 -35.50 -1.04 24.50
C ARG E 119 -35.59 -2.23 23.56
N GLU E 120 -36.80 -2.53 23.06
CA GLU E 120 -36.99 -3.73 22.24
C GLU E 120 -36.18 -3.67 20.95
N SER E 121 -36.20 -2.52 20.27
CA SER E 121 -35.46 -2.40 19.02
C SER E 121 -33.96 -2.67 19.22
N VAL E 122 -33.39 -2.19 20.32
CA VAL E 122 -31.97 -2.43 20.59
C VAL E 122 -31.73 -3.88 20.96
N GLU E 123 -32.55 -4.42 21.85
CA GLU E 123 -32.32 -5.78 22.39
C GLU E 123 -32.28 -6.81 21.28
N ASN E 124 -33.09 -6.64 20.23
CA ASN E 124 -33.06 -7.60 19.13
C ASN E 124 -31.78 -7.50 18.33
N VAL E 125 -31.22 -6.29 18.21
CA VAL E 125 -29.97 -6.10 17.46
C VAL E 125 -28.80 -6.68 18.23
N LEU E 126 -28.70 -6.39 19.54
CA LEU E 126 -27.53 -6.79 20.31
C LEU E 126 -27.51 -8.29 20.58
N SER E 127 -28.65 -8.97 20.55
CA SER E 127 -28.66 -10.41 20.76
C SER E 127 -28.12 -11.17 19.55
N THR E 128 -28.17 -10.59 18.36
CA THR E 128 -27.59 -11.18 17.16
C THR E 128 -26.09 -10.92 17.03
N GLY E 129 -25.47 -10.32 18.05
CA GLY E 129 -24.05 -10.01 17.97
C GLY E 129 -23.73 -8.76 17.17
N ARG E 130 -24.70 -7.89 16.97
CA ARG E 130 -24.48 -6.64 16.25
C ARG E 130 -24.32 -5.47 17.22
N ASP E 131 -23.39 -4.58 16.90
CA ASP E 131 -23.07 -3.42 17.72
C ASP E 131 -23.71 -2.14 17.17
N MET E 132 -24.09 -1.26 18.09
CA MET E 132 -24.79 -0.02 17.74
C MET E 132 -24.00 1.20 18.20
N LEU E 133 -23.86 2.17 17.30
CA LEU E 133 -23.24 3.45 17.64
C LEU E 133 -24.32 4.42 18.13
N PHE E 134 -24.11 4.99 19.32
CA PHE E 134 -24.98 6.04 19.84
C PHE E 134 -24.16 7.32 19.97
N ASP E 135 -24.44 8.26 19.09
CA ASP E 135 -23.82 9.57 19.10
C ASP E 135 -24.73 10.46 19.95
N ILE E 136 -24.39 10.65 21.23
CA ILE E 136 -25.34 11.20 22.19
C ILE E 136 -24.57 11.97 23.28
N ASP E 137 -25.31 12.79 24.04
CA ASP E 137 -24.73 13.64 25.08
C ASP E 137 -24.65 12.89 26.41
N TYR E 138 -24.28 13.59 27.49
CA TYR E 138 -24.14 12.91 28.77
CA TYR E 138 -24.15 12.93 28.79
C TYR E 138 -25.48 12.40 29.29
N GLN E 139 -26.55 13.19 29.14
CA GLN E 139 -27.85 12.75 29.65
C GLN E 139 -28.26 11.41 29.05
N GLY E 140 -28.16 11.28 27.72
CA GLY E 140 -28.45 10.01 27.11
C GLY E 140 -27.47 8.92 27.52
N THR E 141 -26.20 9.30 27.73
CA THR E 141 -25.21 8.32 28.15
C THR E 141 -25.53 7.79 29.54
N LYS E 142 -25.93 8.67 30.46
CA LYS E 142 -26.25 8.24 31.82
C LYS E 142 -27.45 7.29 31.82
N GLN E 143 -28.48 7.59 31.02
CA GLN E 143 -29.64 6.71 30.94
C GLN E 143 -29.24 5.35 30.37
N LEU E 144 -28.58 5.33 29.21
CA LEU E 144 -28.17 4.07 28.61
C LEU E 144 -27.35 3.23 29.59
N GLN E 145 -26.36 3.83 30.27
CA GLN E 145 -25.52 3.07 31.18
C GLN E 145 -26.32 2.55 32.38
N LYS E 146 -27.34 3.30 32.82
CA LYS E 146 -28.16 2.81 33.93
C LYS E 146 -29.08 1.67 33.48
N LYS E 147 -29.56 1.72 32.24
CA LYS E 147 -30.55 0.75 31.80
C LYS E 147 -29.98 -0.45 31.07
N MET E 148 -28.75 -0.38 30.56
CA MET E 148 -28.14 -1.49 29.82
C MET E 148 -26.78 -1.84 30.44
N PRO E 149 -26.76 -2.20 31.72
CA PRO E 149 -25.47 -2.46 32.38
C PRO E 149 -24.77 -3.65 31.76
N GLY E 150 -23.48 -3.47 31.45
CA GLY E 150 -22.71 -4.50 30.80
C GLY E 150 -22.82 -4.52 29.29
N ASP E 151 -23.74 -3.76 28.69
CA ASP E 151 -23.88 -3.68 27.25
C ASP E 151 -23.46 -2.33 26.66
N THR E 152 -22.76 -1.50 27.43
CA THR E 152 -22.43 -0.16 26.95
C THR E 152 -20.92 0.08 27.03
N VAL E 153 -20.41 0.79 26.03
CA VAL E 153 -19.04 1.26 25.99
C VAL E 153 -19.09 2.75 25.67
N SER E 154 -18.56 3.58 26.56
CA SER E 154 -18.68 5.02 26.45
C SER E 154 -17.31 5.66 26.27
N VAL E 155 -17.20 6.49 25.24
CA VAL E 155 -15.98 7.21 24.88
C VAL E 155 -16.31 8.69 24.88
N PHE E 156 -15.47 9.47 25.56
CA PHE E 156 -15.59 10.92 25.56
C PHE E 156 -14.41 11.51 24.80
N ILE E 157 -14.70 12.37 23.82
CA ILE E 157 -13.69 13.00 22.99
C ILE E 157 -13.61 14.48 23.36
N LEU E 158 -12.42 14.91 23.77
CA LEU E 158 -12.02 16.23 24.21
C LEU E 158 -11.25 16.96 23.12
N PRO E 159 -11.45 18.27 23.01
CA PRO E 159 -10.48 19.09 22.29
C PRO E 159 -9.15 19.11 23.02
N PRO E 160 -8.05 19.37 22.31
CA PRO E 160 -6.76 19.54 23.01
C PRO E 160 -6.64 20.91 23.68
N SER E 161 -7.48 21.85 23.29
CA SER E 161 -7.61 23.16 23.92
C SER E 161 -8.95 23.75 23.52
N MET E 162 -9.42 24.71 24.32
CA MET E 162 -10.63 25.41 23.95
C MET E 162 -10.38 26.36 22.79
N LYS E 163 -9.13 26.83 22.65
CA LYS E 163 -8.77 27.57 21.46
C LYS E 163 -8.93 26.70 20.21
N GLU E 164 -8.50 25.44 20.29
CA GLU E 164 -8.69 24.56 19.14
C GLU E 164 -10.16 24.33 18.86
N LEU E 165 -10.98 24.25 19.91
CA LEU E 165 -12.42 24.11 19.71
C LEU E 165 -13.00 25.34 19.03
N ILE E 166 -12.57 26.53 19.45
CA ILE E 166 -13.11 27.77 18.88
C ILE E 166 -12.67 27.93 17.44
N SER E 167 -11.44 27.52 17.13
CA SER E 167 -10.95 27.56 15.76
C SER E 167 -11.84 26.73 14.82
N ARG E 168 -12.21 25.53 15.26
CA ARG E 168 -13.15 24.70 14.50
C ARG E 168 -14.53 25.33 14.40
N LEU E 169 -14.97 26.04 15.44
CA LEU E 169 -16.25 26.75 15.33
C LEU E 169 -16.14 27.92 14.36
N TYR E 170 -14.97 28.52 14.25
CA TYR E 170 -14.77 29.62 13.31
C TYR E 170 -14.87 29.14 11.86
N ARG E 171 -14.48 27.91 11.58
CA ARG E 171 -14.65 27.38 10.22
C ARG E 171 -16.10 27.03 9.90
N ARG E 172 -17.02 27.19 10.85
CA ARG E 172 -18.42 26.85 10.67
CA ARG E 172 -18.43 26.85 10.65
C ARG E 172 -19.32 28.08 10.62
N ALA E 173 -18.75 29.28 10.58
CA ALA E 173 -19.46 30.56 10.60
C ALA E 173 -20.09 30.88 11.97
N GLU E 174 -19.66 30.19 13.03
CA GLU E 174 -20.14 30.48 14.39
C GLU E 174 -19.18 31.46 15.05
N ASP E 175 -19.39 32.75 14.72
CA ASP E 175 -18.49 33.84 15.03
C ASP E 175 -18.99 34.81 16.09
N SER E 176 -20.27 34.73 16.46
CA SER E 176 -20.81 35.75 17.34
C SER E 176 -20.44 35.41 18.77
N GLN E 177 -20.36 36.44 19.61
CA GLN E 177 -20.12 36.20 21.02
C GLN E 177 -21.19 35.31 21.61
N ASP E 178 -22.44 35.48 21.15
CA ASP E 178 -23.53 34.70 21.71
C ASP E 178 -23.39 33.23 21.37
N ILE E 179 -23.05 32.90 20.11
CA ILE E 179 -22.94 31.49 19.74
C ILE E 179 -21.68 30.89 20.37
N ILE E 180 -20.59 31.67 20.42
CA ILE E 180 -19.39 31.20 21.09
C ILE E 180 -19.66 30.97 22.57
N ASN E 181 -20.24 31.97 23.24
CA ASN E 181 -20.60 31.78 24.65
C ASN E 181 -21.50 30.57 24.82
N LEU E 182 -22.45 30.39 23.90
CA LEU E 182 -23.34 29.25 23.98
C LEU E 182 -22.58 27.95 23.78
N ARG E 183 -21.76 27.87 22.73
CA ARG E 183 -20.99 26.64 22.52
C ARG E 183 -20.08 26.36 23.71
N LEU E 184 -19.35 27.38 24.18
CA LEU E 184 -18.46 27.21 25.32
C LEU E 184 -19.23 26.73 26.53
N LYS E 185 -20.36 27.36 26.83
CA LYS E 185 -21.13 26.97 28.00
C LYS E 185 -21.58 25.51 27.89
N ASN E 186 -22.08 25.10 26.72
CA ASN E 186 -22.50 23.72 26.54
C ASN E 186 -21.31 22.76 26.63
N ALA E 187 -20.17 23.16 26.07
CA ALA E 187 -18.96 22.34 26.14
C ALA E 187 -18.51 22.12 27.58
N ARG E 188 -18.50 23.19 28.39
CA ARG E 188 -18.10 23.07 29.78
C ARG E 188 -19.08 22.19 30.57
N THR E 189 -20.38 22.33 30.30
CA THR E 189 -21.37 21.50 30.95
C THR E 189 -21.15 20.02 30.64
N GLU E 190 -20.83 19.70 29.38
CA GLU E 190 -20.61 18.31 29.00
C GLU E 190 -19.31 17.79 29.59
N MET E 191 -18.23 18.56 29.47
CA MET E 191 -16.95 18.12 29.99
C MET E 191 -16.99 17.91 31.49
N GLN E 192 -17.88 18.63 32.18
CA GLN E 192 -18.03 18.45 33.62
C GLN E 192 -18.50 17.05 33.99
N HIS E 193 -18.97 16.25 33.03
CA HIS E 193 -19.49 14.92 33.31
C HIS E 193 -18.54 13.83 32.82
N TRP E 194 -17.26 14.16 32.69
CA TRP E 194 -16.30 13.23 32.11
C TRP E 194 -16.14 11.95 32.92
N ARG E 195 -16.43 11.98 34.22
CA ARG E 195 -16.24 10.78 35.04
C ARG E 195 -17.28 9.69 34.75
N SER E 196 -18.30 9.98 33.95
CA SER E 196 -19.27 8.97 33.56
C SER E 196 -18.83 8.17 32.34
N TYR E 197 -17.63 8.40 31.84
CA TYR E 197 -17.19 7.79 30.59
C TYR E 197 -16.11 6.75 30.84
N ASP E 198 -16.24 5.60 30.15
CA ASP E 198 -15.27 4.51 30.29
C ASP E 198 -13.90 4.92 29.78
N TYR E 199 -13.86 5.58 28.62
CA TYR E 199 -12.62 6.01 27.99
C TYR E 199 -12.70 7.50 27.67
N VAL E 200 -11.55 8.15 27.67
CA VAL E 200 -11.45 9.56 27.30
C VAL E 200 -10.29 9.75 26.36
N ILE E 201 -10.55 10.35 25.21
CA ILE E 201 -9.52 10.64 24.21
C ILE E 201 -9.44 12.14 24.03
N ILE E 202 -8.22 12.64 23.90
CA ILE E 202 -7.95 14.01 23.50
C ILE E 202 -7.71 14.01 22.00
N ASN E 203 -8.62 14.64 21.27
CA ASN E 203 -8.55 14.64 19.81
C ASN E 203 -7.39 15.50 19.32
N GLU E 204 -6.14 15.07 19.56
CA GLU E 204 -4.99 15.81 19.08
C GLU E 204 -4.88 15.72 17.57
N ASN E 205 -4.94 14.51 17.04
CA ASN E 205 -4.66 14.21 15.64
C ASN E 205 -5.76 13.28 15.15
N LEU E 206 -6.27 13.58 13.95
CA LEU E 206 -7.36 12.78 13.39
C LEU E 206 -6.99 11.30 13.30
N ASN E 207 -5.81 11.00 12.75
CA ASN E 207 -5.42 9.60 12.56
C ASN E 207 -5.31 8.88 13.88
N GLN E 208 -4.67 9.51 14.87
CA GLN E 208 -4.55 8.91 16.19
C GLN E 208 -5.93 8.69 16.82
N SER E 209 -6.84 9.65 16.63
CA SER E 209 -8.16 9.53 17.24
C SER E 209 -8.97 8.42 16.61
N VAL E 210 -8.92 8.31 15.27
CA VAL E 210 -9.59 7.19 14.61
C VAL E 210 -8.99 5.88 15.10
N SER E 211 -7.66 5.82 15.18
CA SER E 211 -6.99 4.59 15.60
C SER E 211 -7.37 4.21 17.03
N LEU E 212 -7.44 5.21 17.92
CA LEU E 212 -7.79 4.90 19.30
C LEU E 212 -9.24 4.40 19.40
N ILE E 213 -10.15 5.07 18.70
CA ILE E 213 -11.57 4.71 18.78
C ILE E 213 -11.80 3.31 18.23
N LYS E 214 -11.21 2.99 17.08
CA LYS E 214 -11.31 1.64 16.52
C LYS E 214 -10.64 0.60 17.41
N SER E 215 -9.55 0.97 18.10
CA SER E 215 -8.93 0.07 19.06
C SER E 215 -9.86 -0.21 20.23
N ILE E 216 -10.53 0.82 20.76
CA ILE E 216 -11.50 0.63 21.83
C ILE E 216 -12.60 -0.32 21.37
N TYR E 217 -13.12 -0.09 20.17
CA TYR E 217 -14.16 -0.95 19.61
C TYR E 217 -13.68 -2.40 19.54
N LEU E 218 -12.52 -2.62 18.91
CA LEU E 218 -12.01 -3.98 18.74
C LEU E 218 -11.75 -4.66 20.07
N ALA E 219 -11.17 -3.94 21.03
CA ALA E 219 -10.89 -4.53 22.34
C ALA E 219 -12.18 -5.02 22.99
N GLU E 220 -13.26 -4.27 22.84
CA GLU E 220 -14.51 -4.63 23.50
C GLU E 220 -15.22 -5.80 22.82
N THR E 221 -14.94 -6.07 21.54
CA THR E 221 -15.49 -7.28 20.92
C THR E 221 -14.89 -8.57 21.50
N VAL E 222 -13.76 -8.50 22.20
CA VAL E 222 -13.18 -9.71 22.77
C VAL E 222 -13.12 -9.65 24.30
N LYS E 223 -13.94 -8.81 24.92
CA LYS E 223 -14.07 -8.87 26.37
C LYS E 223 -14.68 -10.22 26.76
N ARG E 224 -14.13 -10.82 27.81
CA ARG E 224 -14.53 -12.18 28.16
C ARG E 224 -16.02 -12.28 28.45
N GLU E 225 -16.58 -11.31 29.19
CA GLU E 225 -17.94 -11.50 29.72
C GLU E 225 -18.99 -11.53 28.62
N ARG E 226 -18.80 -10.81 27.52
CA ARG E 226 -19.83 -10.81 26.49
C ARG E 226 -19.61 -11.89 25.45
N CYS E 227 -18.53 -12.66 25.56
CA CYS E 227 -18.28 -13.76 24.64
C CYS E 227 -18.80 -15.06 25.23
N PHE E 228 -20.13 -15.22 25.21
CA PHE E 228 -20.72 -16.35 25.92
C PHE E 228 -20.34 -17.68 25.30
N PHE E 229 -19.90 -17.69 24.04
CA PHE E 229 -19.43 -18.93 23.41
C PHE E 229 -18.24 -19.53 24.14
N LEU E 230 -17.52 -18.74 24.94
CA LEU E 230 -16.22 -19.18 25.44
C LEU E 230 -16.32 -20.49 26.22
N GLU E 231 -17.28 -20.60 27.14
CA GLU E 231 -17.32 -21.76 28.02
C GLU E 231 -17.50 -23.08 27.25
N PRO E 232 -18.53 -23.27 26.42
CA PRO E 232 -18.62 -24.56 25.71
C PRO E 232 -17.48 -24.78 24.74
N PHE E 233 -16.95 -23.71 24.13
CA PHE E 233 -15.84 -23.86 23.21
C PHE E 233 -14.57 -24.32 23.93
N ILE E 234 -14.21 -23.64 25.02
CA ILE E 234 -12.99 -23.99 25.75
C ILE E 234 -13.12 -25.38 26.37
N ASN E 235 -14.28 -25.70 26.95
CA ASN E 235 -14.48 -27.06 27.43
C ASN E 235 -14.31 -28.07 26.29
N GLY E 236 -14.77 -27.73 25.09
CA GLY E 236 -14.52 -28.58 23.94
C GLY E 236 -13.03 -28.80 23.69
N LEU E 237 -12.24 -27.73 23.74
CA LEU E 237 -10.80 -27.85 23.57
C LEU E 237 -10.20 -28.75 24.64
N ILE E 238 -10.67 -28.61 25.88
CA ILE E 238 -10.16 -29.41 26.98
C ILE E 238 -10.55 -30.87 26.80
N ALA E 239 -11.79 -31.15 26.37
CA ALA E 239 -12.31 -32.52 26.37
C ALA E 239 -12.08 -33.27 25.05
N GLU E 240 -11.62 -32.59 24.01
CA GLU E 240 -11.57 -33.20 22.68
C GLU E 240 -10.63 -34.41 22.63
N LYS E 241 -11.15 -35.53 22.13
CA LYS E 241 -10.34 -36.73 21.93
C LYS E 241 -9.25 -36.49 20.90
N ILE E 242 -8.08 -37.09 21.12
CA ILE E 242 -6.95 -36.96 20.20
C ILE E 242 -6.74 -38.25 19.43
N GLN F 37 16.95 -32.79 -25.59
CA GLN F 37 15.95 -31.74 -25.75
C GLN F 37 16.34 -30.45 -25.00
N ARG F 38 17.18 -30.58 -23.97
CA ARG F 38 17.56 -29.41 -23.19
C ARG F 38 18.93 -29.64 -22.56
N ARG F 39 19.57 -28.53 -22.20
CA ARG F 39 20.83 -28.61 -21.49
C ARG F 39 20.59 -28.84 -20.01
N GLY F 40 21.41 -29.69 -19.40
CA GLY F 40 21.35 -29.87 -17.98
C GLY F 40 21.95 -28.71 -17.23
N PHE F 41 21.64 -28.62 -15.95
CA PHE F 41 22.22 -27.58 -15.11
C PHE F 41 22.81 -28.20 -13.85
N LEU F 42 23.68 -27.42 -13.18
CA LEU F 42 24.25 -27.79 -11.90
C LEU F 42 23.35 -27.26 -10.79
N PHE F 43 22.79 -28.17 -10.01
CA PHE F 43 21.89 -27.84 -8.91
C PHE F 43 22.71 -27.71 -7.62
N ILE F 44 22.85 -26.49 -7.13
CA ILE F 44 23.78 -26.15 -6.05
C ILE F 44 22.99 -25.83 -4.79
N LEU F 45 23.16 -26.66 -3.76
CA LEU F 45 22.56 -26.45 -2.45
C LEU F 45 23.62 -26.07 -1.42
N SER F 46 23.36 -25.00 -0.68
CA SER F 46 24.23 -24.55 0.39
C SER F 46 23.41 -24.32 1.65
N SER F 47 23.98 -24.66 2.81
CA SER F 47 23.37 -24.35 4.08
C SER F 47 24.43 -23.83 5.03
N PRO F 48 24.17 -22.75 5.75
CA PRO F 48 25.03 -22.42 6.89
C PRO F 48 25.06 -23.60 7.84
N SER F 49 26.26 -23.93 8.31
CA SER F 49 26.50 -25.11 9.14
C SER F 49 26.35 -26.38 8.33
N GLY F 50 25.88 -26.28 7.08
CA GLY F 50 25.72 -27.41 6.19
C GLY F 50 25.13 -28.64 6.83
N ALA F 51 24.18 -28.43 7.76
CA ALA F 51 23.67 -29.51 8.60
C ALA F 51 22.56 -30.26 7.88
N GLY F 52 22.58 -31.59 8.00
CA GLY F 52 21.65 -32.42 7.27
C GLY F 52 21.90 -32.48 5.78
N LYS F 53 23.15 -32.24 5.37
CA LYS F 53 23.48 -32.31 3.95
C LYS F 53 23.24 -33.72 3.42
N SER F 54 23.77 -34.73 4.12
CA SER F 54 23.60 -36.11 3.69
C SER F 54 22.13 -36.52 3.59
N THR F 55 21.28 -35.95 4.43
CA THR F 55 19.86 -36.28 4.41
C THR F 55 19.14 -35.59 3.24
N LEU F 56 19.27 -34.27 3.14
CA LEU F 56 18.59 -33.54 2.08
C LEU F 56 19.10 -33.95 0.71
N SER F 57 20.41 -34.22 0.59
CA SER F 57 20.97 -34.72 -0.65
C SER F 57 20.35 -36.06 -1.02
N ARG F 58 20.37 -37.01 -0.07
CA ARG F 58 19.83 -38.33 -0.33
C ARG F 58 18.37 -38.28 -0.76
N LEU F 59 17.58 -37.38 -0.15
CA LEU F 59 16.19 -37.25 -0.54
C LEU F 59 16.04 -36.73 -1.96
N LEU F 60 16.98 -35.91 -2.42
CA LEU F 60 16.89 -35.38 -3.77
C LEU F 60 17.53 -36.29 -4.80
N LEU F 61 18.37 -37.24 -4.38
CA LEU F 61 18.98 -38.19 -5.31
C LEU F 61 18.16 -39.45 -5.51
N LYS F 62 17.15 -39.69 -4.66
CA LYS F 62 16.48 -40.99 -4.65
C LYS F 62 15.86 -41.31 -6.01
N ASP F 63 15.11 -40.37 -6.58
CA ASP F 63 14.41 -40.62 -7.83
C ASP F 63 15.31 -40.60 -9.06
N GLY F 64 16.58 -40.21 -8.92
CA GLY F 64 17.54 -40.43 -9.97
C GLY F 64 17.71 -39.34 -11.00
N LYS F 65 16.93 -38.27 -10.94
CA LYS F 65 17.06 -37.22 -11.95
C LYS F 65 18.32 -36.38 -11.77
N LEU F 66 18.94 -36.43 -10.60
CA LEU F 66 20.13 -35.65 -10.29
C LEU F 66 21.33 -36.58 -10.14
N GLU F 67 22.44 -36.21 -10.76
CA GLU F 67 23.68 -36.97 -10.64
C GLU F 67 24.60 -36.30 -9.64
N LEU F 68 25.22 -37.11 -8.81
CA LEU F 68 26.23 -36.62 -7.89
C LEU F 68 27.55 -36.51 -8.63
N SER F 69 28.31 -35.45 -8.33
CA SER F 69 29.59 -35.25 -8.99
C SER F 69 30.69 -36.02 -8.26
N ILE F 70 31.50 -36.74 -9.02
CA ILE F 70 32.60 -37.54 -8.47
C ILE F 70 33.85 -36.67 -8.45
N SER F 71 34.25 -36.23 -7.26
CA SER F 71 35.32 -35.26 -7.11
C SER F 71 36.68 -35.94 -7.05
N MET F 72 37.66 -35.32 -7.70
CA MET F 72 39.04 -35.79 -7.65
C MET F 72 39.70 -35.35 -6.35
N THR F 73 40.45 -36.25 -5.73
CA THR F 73 40.96 -36.02 -4.39
C THR F 73 42.45 -36.39 -4.30
N THR F 74 43.09 -35.85 -3.27
CA THR F 74 44.53 -36.02 -3.06
C THR F 74 44.81 -36.87 -1.82
N SER F 91 47.03 -37.51 -8.74
CA SER F 91 48.19 -37.11 -7.96
C SER F 91 48.14 -35.63 -7.63
N LYS F 92 49.02 -35.20 -6.73
CA LYS F 92 49.10 -33.78 -6.39
C LYS F 92 49.60 -32.96 -7.59
N LYS F 93 50.52 -33.53 -8.38
CA LYS F 93 51.03 -32.82 -9.55
C LYS F 93 49.98 -32.71 -10.65
N GLU F 94 49.10 -33.71 -10.77
CA GLU F 94 48.03 -33.61 -11.75
C GLU F 94 46.99 -32.57 -11.33
N PHE F 95 46.76 -32.42 -10.03
CA PHE F 95 45.80 -31.42 -9.56
C PHE F 95 46.25 -30.01 -9.95
N LYS F 96 47.52 -29.70 -9.69
CA LYS F 96 48.04 -28.39 -10.05
C LYS F 96 48.08 -28.22 -11.57
N ARG F 97 48.44 -29.28 -12.30
CA ARG F 97 48.45 -29.22 -13.75
C ARG F 97 47.04 -29.01 -14.29
N LYS F 98 46.06 -29.75 -13.77
CA LYS F 98 44.68 -29.55 -14.19
C LYS F 98 44.17 -28.18 -13.75
N ARG F 99 44.58 -27.71 -12.58
CA ARG F 99 44.19 -26.37 -12.15
C ARG F 99 44.84 -25.30 -13.02
N ASP F 100 46.15 -25.46 -13.30
CA ASP F 100 46.86 -24.49 -14.14
C ASP F 100 46.41 -24.56 -15.59
N GLY F 101 45.74 -25.63 -16.00
CA GLY F 101 45.07 -25.70 -17.28
C GLY F 101 43.60 -25.32 -17.25
N ASN F 102 43.10 -24.80 -16.13
CA ASN F 102 41.69 -24.43 -15.98
C ASN F 102 40.76 -25.64 -16.15
N GLU F 103 41.22 -26.82 -15.73
CA GLU F 103 40.38 -28.01 -15.85
C GLU F 103 39.35 -28.12 -14.74
N PHE F 104 39.51 -27.36 -13.65
CA PHE F 104 38.59 -27.42 -12.53
C PHE F 104 37.53 -26.33 -12.66
N ILE F 105 36.27 -26.73 -12.52
CA ILE F 105 35.20 -25.75 -12.36
C ILE F 105 35.08 -25.31 -10.91
N GLU F 106 35.54 -26.14 -9.97
CA GLU F 106 35.51 -25.84 -8.55
C GLU F 106 36.66 -26.60 -7.89
N TRP F 107 37.29 -25.97 -6.90
CA TRP F 107 38.34 -26.63 -6.16
C TRP F 107 38.43 -26.02 -4.76
N ALA F 108 38.81 -26.87 -3.80
CA ALA F 108 39.00 -26.43 -2.43
C ALA F 108 39.95 -27.40 -1.74
N GLU F 109 40.51 -26.96 -0.63
CA GLU F 109 41.36 -27.78 0.22
C GLU F 109 40.58 -28.09 1.50
N VAL F 110 40.35 -29.37 1.77
CA VAL F 110 39.56 -29.81 2.90
C VAL F 110 40.40 -30.80 3.71
N HIS F 111 40.63 -30.47 4.98
CA HIS F 111 41.33 -31.35 5.92
C HIS F 111 42.71 -31.76 5.42
N GLY F 112 43.39 -30.87 4.70
CA GLY F 112 44.74 -31.11 4.25
C GLY F 112 44.89 -31.78 2.90
N ASN F 113 43.79 -32.05 2.19
CA ASN F 113 43.83 -32.66 0.87
C ASN F 113 42.97 -31.84 -0.10
N TYR F 114 43.25 -31.99 -1.39
CA TYR F 114 42.59 -31.23 -2.43
C TYR F 114 41.39 -32.01 -3.00
N TYR F 115 40.31 -31.29 -3.27
CA TYR F 115 39.11 -31.83 -3.90
C TYR F 115 38.71 -30.92 -5.04
N GLY F 116 38.28 -31.50 -6.15
CA GLY F 116 37.94 -30.70 -7.31
C GLY F 116 37.01 -31.41 -8.26
N THR F 117 36.27 -30.61 -9.02
CA THR F 117 35.40 -31.12 -10.07
C THR F 117 35.99 -30.70 -11.42
N LEU F 118 36.17 -31.67 -12.31
CA LEU F 118 36.77 -31.38 -13.60
C LEU F 118 35.71 -30.82 -14.53
N ARG F 119 36.09 -29.77 -15.27
CA ARG F 119 35.17 -29.15 -16.22
C ARG F 119 34.70 -30.17 -17.26
N GLU F 120 35.62 -31.00 -17.77
CA GLU F 120 35.25 -31.95 -18.80
C GLU F 120 34.20 -32.93 -18.30
N SER F 121 34.38 -33.47 -17.09
CA SER F 121 33.44 -34.46 -16.57
C SER F 121 32.06 -33.85 -16.32
N VAL F 122 31.99 -32.58 -15.93
CA VAL F 122 30.68 -31.96 -15.77
C VAL F 122 30.06 -31.65 -17.13
N GLU F 123 30.88 -31.18 -18.08
CA GLU F 123 30.36 -30.81 -19.39
C GLU F 123 29.81 -32.02 -20.15
N ASN F 124 30.36 -33.21 -19.90
CA ASN F 124 29.81 -34.42 -20.51
C ASN F 124 28.38 -34.66 -20.07
N VAL F 125 28.11 -34.53 -18.76
CA VAL F 125 26.79 -34.81 -18.23
C VAL F 125 25.76 -33.81 -18.76
N LEU F 126 26.08 -32.52 -18.68
CA LEU F 126 25.08 -31.50 -18.98
C LEU F 126 24.68 -31.49 -20.45
N SER F 127 25.55 -31.95 -21.35
CA SER F 127 25.19 -31.97 -22.76
C SER F 127 24.11 -33.02 -23.03
N THR F 128 24.04 -34.06 -22.21
CA THR F 128 23.05 -35.13 -22.39
C THR F 128 21.73 -34.81 -21.69
N GLY F 129 21.57 -33.61 -21.14
CA GLY F 129 20.35 -33.25 -20.46
C GLY F 129 20.23 -33.79 -19.05
N ARG F 130 21.28 -34.37 -18.50
CA ARG F 130 21.27 -34.86 -17.13
C ARG F 130 21.79 -33.78 -16.19
N ASP F 131 21.09 -33.60 -15.07
CA ASP F 131 21.41 -32.57 -14.10
C ASP F 131 22.32 -33.09 -13.00
N MET F 132 23.07 -32.18 -12.37
CA MET F 132 24.04 -32.55 -11.36
C MET F 132 23.76 -31.81 -10.06
N LEU F 133 23.84 -32.53 -8.94
CA LEU F 133 23.61 -31.96 -7.62
C LEU F 133 24.94 -31.68 -6.94
N PHE F 134 25.05 -30.48 -6.36
CA PHE F 134 26.24 -30.08 -5.61
C PHE F 134 25.81 -29.62 -4.22
N ASP F 135 26.25 -30.33 -3.20
CA ASP F 135 26.09 -29.89 -1.82
C ASP F 135 27.43 -29.31 -1.40
N ILE F 136 27.58 -27.99 -1.56
CA ILE F 136 28.83 -27.30 -1.35
C ILE F 136 28.55 -26.00 -0.59
N ASP F 137 29.63 -25.30 -0.24
CA ASP F 137 29.58 -24.06 0.52
C ASP F 137 29.63 -22.87 -0.41
N TYR F 138 29.71 -21.67 0.16
CA TYR F 138 29.74 -20.47 -0.67
C TYR F 138 30.98 -20.45 -1.56
N GLN F 139 32.12 -20.92 -1.06
CA GLN F 139 33.35 -20.87 -1.84
C GLN F 139 33.23 -21.69 -3.12
N GLY F 140 32.65 -22.89 -3.04
CA GLY F 140 32.42 -23.65 -4.26
C GLY F 140 31.35 -23.01 -5.14
N THR F 141 30.31 -22.45 -4.53
CA THR F 141 29.19 -21.90 -5.29
C THR F 141 29.64 -20.76 -6.18
N LYS F 142 30.51 -19.88 -5.66
CA LYS F 142 30.97 -18.74 -6.46
C LYS F 142 31.84 -19.19 -7.62
N GLN F 143 32.63 -20.24 -7.42
CA GLN F 143 33.48 -20.75 -8.49
C GLN F 143 32.63 -21.31 -9.63
N LEU F 144 31.66 -22.15 -9.30
CA LEU F 144 30.80 -22.72 -10.34
C LEU F 144 30.03 -21.62 -11.08
N GLN F 145 29.42 -20.70 -10.33
CA GLN F 145 28.59 -19.67 -10.97
C GLN F 145 29.40 -18.77 -11.89
N LYS F 146 30.66 -18.50 -11.55
CA LYS F 146 31.50 -17.72 -12.44
C LYS F 146 31.84 -18.51 -13.70
N LYS F 147 32.09 -19.82 -13.54
CA LYS F 147 32.57 -20.65 -14.65
C LYS F 147 31.44 -21.17 -15.54
N MET F 148 30.23 -21.33 -15.01
CA MET F 148 29.13 -21.97 -15.73
C MET F 148 27.89 -21.07 -15.81
N PRO F 149 28.01 -19.88 -16.38
CA PRO F 149 26.84 -18.98 -16.44
C PRO F 149 25.70 -19.62 -17.25
N GLY F 150 24.49 -19.47 -16.73
CA GLY F 150 23.32 -20.10 -17.30
C GLY F 150 23.14 -21.55 -16.93
N ASP F 151 24.18 -22.23 -16.46
CA ASP F 151 24.13 -23.65 -16.15
C ASP F 151 24.06 -23.93 -14.65
N THR F 152 23.99 -22.90 -13.82
CA THR F 152 23.95 -23.08 -12.37
C THR F 152 22.61 -22.59 -11.84
N VAL F 153 22.09 -23.32 -10.86
CA VAL F 153 20.94 -22.91 -10.07
C VAL F 153 21.36 -23.11 -8.61
N SER F 154 21.29 -22.04 -7.83
CA SER F 154 21.82 -22.06 -6.47
C SER F 154 20.68 -21.84 -5.48
N VAL F 155 20.63 -22.67 -4.46
CA VAL F 155 19.63 -22.58 -3.42
C VAL F 155 20.34 -22.49 -2.08
N PHE F 156 20.00 -21.48 -1.29
CA PHE F 156 20.56 -21.26 0.03
C PHE F 156 19.49 -21.61 1.06
N ILE F 157 19.84 -22.46 2.03
CA ILE F 157 18.89 -22.99 3.00
C ILE F 157 19.24 -22.45 4.38
N LEU F 158 18.32 -21.64 4.97
CA LEU F 158 18.60 -20.95 6.24
C LEU F 158 17.88 -21.63 7.39
N PRO F 159 18.44 -21.53 8.59
CA PRO F 159 17.72 -22.00 9.77
C PRO F 159 16.60 -21.03 10.12
N PRO F 160 15.50 -21.53 10.69
CA PRO F 160 14.45 -20.61 11.15
C PRO F 160 14.91 -19.71 12.28
N SER F 161 15.94 -20.11 13.03
CA SER F 161 16.50 -19.31 14.11
C SER F 161 17.85 -19.90 14.49
N MET F 162 18.71 -19.05 15.06
CA MET F 162 19.95 -19.58 15.63
C MET F 162 19.65 -20.50 16.80
N LYS F 163 18.60 -20.20 17.57
CA LYS F 163 18.19 -21.09 18.64
C LYS F 163 17.90 -22.48 18.13
N GLU F 164 17.26 -22.57 16.95
CA GLU F 164 17.00 -23.87 16.35
C GLU F 164 18.25 -24.48 15.70
N LEU F 165 19.15 -23.64 15.19
CA LEU F 165 20.41 -24.16 14.68
C LEU F 165 21.25 -24.74 15.82
N ILE F 166 21.29 -24.05 16.96
CA ILE F 166 22.03 -24.57 18.11
C ILE F 166 21.42 -25.89 18.59
N SER F 167 20.09 -25.97 18.62
CA SER F 167 19.44 -27.21 19.06
C SER F 167 19.84 -28.38 18.17
N ARG F 168 19.90 -28.17 16.85
CA ARG F 168 20.23 -29.26 15.94
C ARG F 168 21.68 -29.71 16.14
N LEU F 169 22.59 -28.77 16.37
CA LEU F 169 23.99 -29.14 16.57
C LEU F 169 24.18 -29.90 17.89
N TYR F 170 23.43 -29.51 18.93
CA TYR F 170 23.48 -30.19 20.23
C TYR F 170 22.83 -31.57 20.20
N ARG F 171 22.37 -32.03 19.03
CA ARG F 171 21.97 -33.42 18.81
C ARG F 171 22.92 -34.09 17.82
N ARG F 172 24.23 -33.86 18.02
CA ARG F 172 25.31 -34.55 17.30
C ARG F 172 26.39 -34.79 18.34
N ALA F 173 26.17 -35.81 19.18
CA ALA F 173 26.98 -36.04 20.38
C ALA F 173 28.48 -36.03 20.10
N GLU F 174 28.89 -36.26 18.86
CA GLU F 174 30.30 -36.17 18.47
C GLU F 174 30.75 -34.72 18.22
N ASP F 175 30.32 -33.78 19.05
CA ASP F 175 30.70 -32.39 18.88
C ASP F 175 30.75 -31.72 20.26
N SER F 176 31.97 -31.36 20.68
CA SER F 176 32.15 -30.58 21.91
C SER F 176 31.51 -29.21 21.77
N GLN F 177 31.30 -28.55 22.92
CA GLN F 177 30.78 -27.19 22.90
C GLN F 177 31.64 -26.25 22.06
N ASP F 178 32.95 -26.48 22.04
CA ASP F 178 33.84 -25.65 21.23
C ASP F 178 33.57 -25.86 19.74
N ILE F 179 33.47 -27.12 19.30
CA ILE F 179 33.16 -27.38 17.90
C ILE F 179 31.80 -26.79 17.55
N ILE F 180 30.83 -26.89 18.46
CA ILE F 180 29.53 -26.29 18.23
C ILE F 180 29.68 -24.79 18.02
N ASN F 181 30.50 -24.15 18.87
CA ASN F 181 30.68 -22.70 18.74
C ASN F 181 31.48 -22.34 17.50
N LEU F 182 32.41 -23.21 17.08
CA LEU F 182 33.12 -22.97 15.83
C LEU F 182 32.20 -23.13 14.62
N ARG F 183 31.25 -24.07 14.69
CA ARG F 183 30.30 -24.22 13.60
C ARG F 183 29.37 -23.02 13.53
N LEU F 184 29.00 -22.47 14.68
CA LEU F 184 28.17 -21.26 14.69
C LEU F 184 28.89 -20.10 14.05
N LYS F 185 30.20 -19.96 14.28
CA LYS F 185 30.95 -18.86 13.70
C LYS F 185 31.06 -19.01 12.18
N ASN F 186 31.27 -20.23 11.71
CA ASN F 186 31.31 -20.45 10.27
C ASN F 186 29.92 -20.27 9.66
N ALA F 187 28.86 -20.56 10.42
CA ALA F 187 27.51 -20.37 9.91
C ALA F 187 27.22 -18.90 9.68
N ARG F 188 27.69 -18.04 10.57
CA ARG F 188 27.50 -16.61 10.42
C ARG F 188 28.31 -16.06 9.25
N THR F 189 29.50 -16.61 9.01
CA THR F 189 30.26 -16.19 7.84
C THR F 189 29.56 -16.59 6.55
N GLU F 190 29.01 -17.82 6.51
CA GLU F 190 28.35 -18.30 5.29
C GLU F 190 27.09 -17.50 4.99
N MET F 191 26.26 -17.25 6.01
CA MET F 191 25.01 -16.53 5.80
C MET F 191 25.23 -15.15 5.20
N GLN F 192 26.41 -14.56 5.42
CA GLN F 192 26.66 -13.25 4.85
C GLN F 192 26.71 -13.28 3.32
N HIS F 193 26.84 -14.46 2.72
CA HIS F 193 26.96 -14.58 1.28
C HIS F 193 25.63 -14.92 0.62
N TRP F 194 24.51 -14.63 1.30
CA TRP F 194 23.21 -15.09 0.81
C TRP F 194 22.84 -14.44 -0.52
N ARG F 195 23.38 -13.26 -0.81
CA ARG F 195 23.02 -12.54 -2.03
C ARG F 195 23.57 -13.20 -3.29
N SER F 196 24.41 -14.23 -3.17
CA SER F 196 24.96 -14.94 -4.31
C SER F 196 24.10 -16.13 -4.72
N TYR F 197 22.90 -16.27 -4.18
CA TYR F 197 22.05 -17.42 -4.41
C TYR F 197 20.78 -17.02 -5.15
N ASP F 198 20.33 -17.88 -6.06
CA ASP F 198 19.12 -17.58 -6.82
C ASP F 198 17.88 -17.64 -5.94
N TYR F 199 17.83 -18.63 -5.04
CA TYR F 199 16.72 -18.84 -4.15
C TYR F 199 17.23 -19.01 -2.72
N VAL F 200 16.39 -18.58 -1.77
CA VAL F 200 16.67 -18.78 -0.35
C VAL F 200 15.42 -19.37 0.29
N ILE F 201 15.59 -20.47 1.01
CA ILE F 201 14.53 -21.15 1.72
C ILE F 201 14.82 -21.05 3.20
N ILE F 202 13.80 -20.74 3.99
CA ILE F 202 13.88 -20.85 5.44
C ILE F 202 13.35 -22.23 5.81
N ASN F 203 14.23 -23.08 6.33
CA ASN F 203 13.88 -24.46 6.69
C ASN F 203 13.05 -24.47 7.98
N GLU F 204 11.78 -24.10 7.84
CA GLU F 204 10.88 -24.17 8.98
C GLU F 204 10.33 -25.57 9.16
N ASN F 205 10.23 -26.31 8.06
CA ASN F 205 9.66 -27.65 8.00
C ASN F 205 10.45 -28.41 6.95
N LEU F 206 11.11 -29.50 7.36
CA LEU F 206 11.93 -30.25 6.41
C LEU F 206 11.11 -30.79 5.26
N ASN F 207 9.86 -31.18 5.51
CA ASN F 207 9.03 -31.71 4.44
C ASN F 207 8.65 -30.61 3.46
N GLN F 208 8.28 -29.43 3.98
CA GLN F 208 8.03 -28.29 3.12
C GLN F 208 9.29 -27.92 2.35
N SER F 209 10.45 -27.98 2.99
CA SER F 209 11.69 -27.59 2.32
C SER F 209 11.99 -28.52 1.16
N VAL F 210 11.86 -29.83 1.39
CA VAL F 210 12.09 -30.80 0.31
C VAL F 210 11.12 -30.53 -0.83
N SER F 211 9.86 -30.24 -0.50
CA SER F 211 8.90 -29.90 -1.54
C SER F 211 9.32 -28.65 -2.32
N LEU F 212 9.71 -27.59 -1.62
CA LEU F 212 10.12 -26.36 -2.31
C LEU F 212 11.32 -26.63 -3.22
N ILE F 213 12.34 -27.31 -2.71
CA ILE F 213 13.53 -27.58 -3.51
C ILE F 213 13.15 -28.36 -4.77
N LYS F 214 12.27 -29.36 -4.63
CA LYS F 214 11.85 -30.12 -5.81
C LYS F 214 11.11 -29.23 -6.81
N SER F 215 10.33 -28.27 -6.30
CA SER F 215 9.66 -27.31 -7.19
C SER F 215 10.68 -26.43 -7.90
N ILE F 216 11.70 -25.95 -7.19
CA ILE F 216 12.75 -25.18 -7.84
C ILE F 216 13.37 -25.99 -8.96
N TYR F 217 13.72 -27.24 -8.68
CA TYR F 217 14.32 -28.11 -9.69
C TYR F 217 13.39 -28.27 -10.90
N LEU F 218 12.14 -28.67 -10.66
CA LEU F 218 11.18 -28.82 -11.74
C LEU F 218 11.00 -27.54 -12.55
N ALA F 219 10.91 -26.41 -11.85
CA ALA F 219 10.73 -25.14 -12.57
C ALA F 219 11.91 -24.86 -13.48
N GLU F 220 13.12 -25.15 -13.02
CA GLU F 220 14.28 -24.86 -13.83
C GLU F 220 14.45 -25.82 -15.00
N THR F 221 13.81 -26.99 -14.97
CA THR F 221 13.91 -27.87 -16.13
C THR F 221 13.09 -27.35 -17.31
N VAL F 222 12.15 -26.43 -17.08
CA VAL F 222 11.35 -25.90 -18.17
C VAL F 222 11.61 -24.41 -18.39
N LYS F 223 12.76 -23.90 -17.95
CA LYS F 223 13.17 -22.56 -18.35
C LYS F 223 13.36 -22.50 -19.86
N ARG F 224 12.88 -21.41 -20.49
CA ARG F 224 12.90 -21.31 -21.95
C ARG F 224 14.33 -21.40 -22.49
N GLU F 225 15.27 -20.74 -21.82
CA GLU F 225 16.61 -20.57 -22.37
C GLU F 225 17.34 -21.91 -22.50
N ARG F 226 17.10 -22.85 -21.59
CA ARG F 226 17.83 -24.11 -21.69
C ARG F 226 17.08 -25.18 -22.48
N CYS F 227 15.84 -24.92 -22.89
CA CYS F 227 15.09 -25.87 -23.72
C CYS F 227 15.34 -25.52 -25.20
N PHE F 228 16.47 -26.00 -25.72
CA PHE F 228 16.84 -25.60 -27.07
C PHE F 228 15.95 -26.23 -28.15
N PHE F 229 15.15 -27.24 -27.81
CA PHE F 229 14.24 -27.84 -28.77
C PHE F 229 13.06 -26.94 -29.12
N LEU F 230 12.85 -25.85 -28.39
CA LEU F 230 11.62 -25.07 -28.58
C LEU F 230 11.54 -24.44 -29.96
N GLU F 231 12.63 -23.85 -30.47
CA GLU F 231 12.54 -23.13 -31.73
C GLU F 231 12.11 -24.03 -32.88
N PRO F 232 12.77 -25.15 -33.17
CA PRO F 232 12.29 -25.99 -34.29
C PRO F 232 10.93 -26.62 -34.00
N PHE F 233 10.66 -26.95 -32.74
CA PHE F 233 9.37 -27.56 -32.41
C PHE F 233 8.23 -26.57 -32.60
N ILE F 234 8.43 -25.31 -32.19
CA ILE F 234 7.37 -24.32 -32.29
C ILE F 234 7.20 -23.88 -33.74
N ASN F 235 8.30 -23.74 -34.48
CA ASN F 235 8.18 -23.50 -35.90
C ASN F 235 7.42 -24.62 -36.58
N GLY F 236 7.62 -25.87 -36.12
CA GLY F 236 6.90 -27.00 -36.70
C GLY F 236 5.41 -26.94 -36.46
N LEU F 237 4.99 -26.51 -35.27
CA LEU F 237 3.57 -26.32 -35.00
C LEU F 237 2.99 -25.24 -35.90
N ILE F 238 3.76 -24.18 -36.15
CA ILE F 238 3.26 -23.03 -36.89
C ILE F 238 3.13 -23.38 -38.37
N ALA F 239 4.05 -24.22 -38.89
CA ALA F 239 4.09 -24.58 -40.30
C ALA F 239 3.37 -25.89 -40.63
N GLU F 240 2.92 -26.63 -39.62
CA GLU F 240 2.26 -27.91 -39.84
C GLU F 240 1.08 -27.77 -40.80
N LYS F 241 1.05 -28.62 -41.82
CA LYS F 241 -0.03 -28.59 -42.79
C LYS F 241 -1.30 -29.19 -42.19
N ILE F 242 -2.41 -28.46 -42.32
CA ILE F 242 -3.67 -28.88 -41.71
C ILE F 242 -4.69 -29.27 -42.77
S SO4 G . -8.64 -23.35 -23.57
O1 SO4 G . -8.44 -24.63 -24.24
O2 SO4 G . -7.57 -22.41 -23.95
O3 SO4 G . -8.62 -23.57 -22.12
O4 SO4 G . -9.93 -22.79 -23.97
S SO4 H . 9.14 -11.28 -29.34
O1 SO4 H . 10.05 -12.29 -29.87
O2 SO4 H . 9.85 -10.25 -28.58
O3 SO4 H . 8.19 -12.01 -28.52
O4 SO4 H . 8.43 -10.58 -30.41
C1 EDO I . -4.99 10.61 -30.65
O1 EDO I . -6.34 10.61 -30.20
C2 EDO I . -4.19 9.56 -29.88
O2 EDO I . -4.96 8.36 -29.76
S SO4 J . -12.29 -15.39 -29.47
O1 SO4 J . -11.40 -15.86 -30.53
O2 SO4 J . -11.63 -15.49 -28.17
O3 SO4 J . -13.50 -16.20 -29.46
O4 SO4 J . -12.63 -13.98 -29.74
S SO4 K . -10.27 -19.41 37.88
O1 SO4 K . -9.61 -19.04 36.63
O2 SO4 K . -9.44 -20.43 38.51
O3 SO4 K . -11.61 -19.87 37.52
O4 SO4 K . -10.40 -18.29 38.80
C1 EDO L . 7.58 -22.49 53.73
O1 EDO L . 8.14 -23.53 52.91
C2 EDO L . 7.87 -22.75 55.22
O2 EDO L . 8.95 -23.66 55.39
C1 EDO M . 7.10 -27.47 28.20
O1 EDO M . 8.07 -26.65 28.87
C2 EDO M . 7.08 -28.84 28.85
O2 EDO M . 6.44 -28.77 30.13
S SO4 N . -18.63 12.06 -19.31
O1 SO4 N . -17.63 11.17 -19.90
O2 SO4 N . -18.41 13.41 -19.81
O3 SO4 N . -18.51 12.04 -17.85
O4 SO4 N . -19.96 11.59 -19.70
S SO4 O . 23.32 25.39 -10.37
O1 SO4 O . 24.62 25.22 -9.73
O2 SO4 O . 23.12 24.29 -11.32
O3 SO4 O . 22.26 25.38 -9.38
O4 SO4 O . 23.30 26.68 -11.08
S SO4 P . 14.40 13.87 -26.97
O1 SO4 P . 15.02 14.93 -27.75
O2 SO4 P . 15.35 13.37 -25.98
O3 SO4 P . 14.01 12.80 -27.89
O4 SO4 P . 13.24 14.39 -26.26
C1 EDO Q . 18.37 20.43 -30.60
O1 EDO Q . 17.56 19.86 -31.64
C2 EDO Q . 17.50 21.17 -29.60
O2 EDO Q . 16.56 22.03 -30.30
C1 EDO R . 12.67 7.00 -25.76
O1 EDO R . 12.85 5.88 -24.88
C2 EDO R . 13.93 7.21 -26.58
O2 EDO R . 13.75 8.34 -27.43
S SO4 S . -18.38 18.51 15.98
O1 SO4 S . -18.07 17.77 14.76
O2 SO4 S . -17.29 19.46 16.19
O3 SO4 S . -19.64 19.24 15.85
O4 SO4 S . -18.49 17.60 17.12
S SO4 T . -21.08 12.66 36.76
O1 SO4 T . -19.99 13.38 37.40
O2 SO4 T . -20.62 12.10 35.48
O3 SO4 T . -22.22 13.54 36.50
O4 SO4 T . -21.51 11.57 37.63
C1 EDO U . -12.99 19.05 11.63
O1 EDO U . -13.11 17.63 11.84
C2 EDO U . -14.36 19.61 11.26
O2 EDO U . -14.25 21.03 11.11
C1 EDO V . -15.53 37.32 20.15
O1 EDO V . -16.64 37.79 20.93
C2 EDO V . -16.03 36.25 19.20
O2 EDO V . -17.37 36.60 18.86
C1 EDO W . -16.07 18.38 37.05
O1 EDO W . -15.68 18.37 38.42
C2 EDO W . -14.85 18.75 36.23
O2 EDO W . -13.67 18.08 36.71
C1 EDO X . -15.65 -0.71 29.49
O1 EDO X . -14.90 -1.92 29.30
C2 EDO X . -16.83 -1.00 30.42
O2 EDO X . -18.05 -0.94 29.67
S SO4 Y . 28.77 -12.14 -1.75
O1 SO4 Y . 29.38 -11.77 -3.04
O2 SO4 Y . 29.68 -11.78 -0.67
O3 SO4 Y . 28.51 -13.58 -1.73
O4 SO4 Y . 27.50 -11.43 -1.57
#